data_9LMN
#
_entry.id   9LMN
#
_cell.length_a   75.820
_cell.length_b   75.850
_cell.length_c   142.010
_cell.angle_alpha   90.000
_cell.angle_beta   90.000
_cell.angle_gamma   90.000
#
_symmetry.space_group_name_H-M   'P 21 21 21'
#
loop_
_entity.id
_entity.type
_entity.pdbx_description
1 polymer '42.8 kDa protein in whiE locus'
2 water water
#
_entity_poly.entity_id   1
_entity_poly.type   'polypeptide(L)'
_entity_poly.pdbx_seq_one_letter_code
;MTVSPVVATDAPSTDATRTTATSATSPAVATDAGGVSISAFDGSRVRVVLMLDVHDGMQQEFLDAYERIRDRVAAVPGHV
SDQLCQSLENPTQWLLTSEWESAAPFLAWVNSDEHLDTVEPLATCVRDTHSLRYSVLRETDGGRPAPGEPRSAPRIGDNV
VRHALTFTVRPGTEAETARLLSEYVSPDAHVDGSTRLLRTSLFMSGNRIVRAVEVRGDLQTALRHVARQPGVRAVEEALN
PYLEQDRDLGDPQSARRFFTRAAMPAVHHATYPDRSGARRERLALLYPVRDGAGPDLARLLARQDAAAARNPDGPVLAAT
VFHRDDLVVRLVDVDGDPEDAPAEVLGLHGRGAADAERLLDAAAVGVDGSPAEAATLSRLLRRIRMTPLTDRRSAGS
;
_entity_poly.pdbx_strand_id   A,B
#
# COMPACT_ATOMS: atom_id res chain seq x y z
N GLY A 35 -15.17 23.88 -7.26
CA GLY A 35 -14.29 22.72 -7.18
C GLY A 35 -14.73 21.67 -6.19
N VAL A 36 -15.14 20.50 -6.67
CA VAL A 36 -15.46 19.36 -5.77
C VAL A 36 -14.29 18.36 -5.89
N SER A 37 -13.62 18.11 -4.78
CA SER A 37 -12.40 17.28 -4.76
C SER A 37 -12.69 15.88 -4.19
N ILE A 38 -13.79 15.75 -3.46
CA ILE A 38 -14.21 14.45 -2.89
C ILE A 38 -15.71 14.33 -3.10
N SER A 39 -16.17 13.19 -3.60
CA SER A 39 -17.60 12.93 -3.73
C SER A 39 -17.80 11.42 -3.68
N ALA A 40 -18.67 10.98 -2.79
CA ALA A 40 -18.99 9.55 -2.68
C ALA A 40 -20.34 9.32 -3.34
N PHE A 41 -20.82 10.29 -4.12
CA PHE A 41 -22.19 10.24 -4.68
C PHE A 41 -22.21 10.33 -6.19
N ASP A 42 -21.07 10.17 -6.84
CA ASP A 42 -20.96 10.32 -8.31
C ASP A 42 -21.54 9.10 -9.03
N GLY A 43 -21.71 7.98 -8.32
CA GLY A 43 -22.31 6.78 -8.91
C GLY A 43 -21.27 5.89 -9.52
N SER A 44 -20.00 6.20 -9.29
CA SER A 44 -18.91 5.43 -9.88
C SER A 44 -18.77 4.07 -9.19
N ARG A 45 -18.27 3.08 -9.92
CA ARG A 45 -17.99 1.76 -9.32
C ARG A 45 -16.79 1.92 -8.40
N VAL A 46 -16.70 1.09 -7.37
CA VAL A 46 -15.63 1.28 -6.35
C VAL A 46 -14.65 0.11 -6.30
N ARG A 47 -13.36 0.42 -6.29
CA ARG A 47 -12.30 -0.60 -6.14
C ARG A 47 -11.63 -0.38 -4.78
N VAL A 48 -11.64 -1.42 -3.96
CA VAL A 48 -11.05 -1.35 -2.61
C VAL A 48 -9.80 -2.23 -2.56
N VAL A 49 -8.70 -1.68 -2.06
CA VAL A 49 -7.46 -2.47 -1.88
C VAL A 49 -7.22 -2.64 -0.38
N LEU A 50 -7.40 -3.85 0.12
CA LEU A 50 -7.17 -4.15 1.55
C LEU A 50 -5.88 -4.94 1.65
N MET A 51 -4.84 -4.32 2.16
CA MET A 51 -3.56 -5.03 2.22
C MET A 51 -3.42 -5.60 3.62
N LEU A 52 -3.19 -6.90 3.69
CA LEU A 52 -3.14 -7.58 5.00
C LEU A 52 -1.71 -8.03 5.32
N ASP A 53 -1.36 -7.94 6.58
CA ASP A 53 -0.03 -8.41 7.05
C ASP A 53 -0.33 -9.62 7.94
N VAL A 54 0.04 -10.80 7.46
CA VAL A 54 -0.22 -12.06 8.21
C VAL A 54 0.96 -12.34 9.15
N HIS A 55 0.67 -12.94 10.29
CA HIS A 55 1.73 -13.26 11.27
C HIS A 55 2.65 -14.34 10.72
N ASP A 56 3.91 -14.26 11.13
CA ASP A 56 4.94 -15.21 10.65
C ASP A 56 4.48 -16.66 10.80
N GLY A 57 4.25 -17.34 9.67
CA GLY A 57 3.93 -18.77 9.70
C GLY A 57 2.48 -19.12 9.72
N MET A 58 1.60 -18.14 9.82
CA MET A 58 0.16 -18.46 9.99
C MET A 58 -0.60 -18.29 8.66
N GLN A 59 0.08 -18.43 7.52
CA GLN A 59 -0.54 -18.24 6.19
C GLN A 59 -1.64 -19.30 5.97
N GLN A 60 -1.41 -20.54 6.35
CA GLN A 60 -2.41 -21.63 6.19
C GLN A 60 -3.64 -21.32 7.03
N GLU A 61 -3.45 -20.82 8.25
CA GLU A 61 -4.59 -20.49 9.14
C GLU A 61 -5.38 -19.30 8.60
N PHE A 62 -4.71 -18.32 8.01
CA PHE A 62 -5.37 -17.13 7.42
C PHE A 62 -6.27 -17.56 6.30
N LEU A 63 -5.78 -18.44 5.44
CA LEU A 63 -6.57 -18.86 4.26
C LEU A 63 -7.74 -19.72 4.75
N ASP A 64 -7.48 -20.51 5.77
CA ASP A 64 -8.53 -21.37 6.33
C ASP A 64 -9.59 -20.45 6.93
N ALA A 65 -9.18 -19.38 7.57
CA ALA A 65 -10.15 -18.50 8.25
C ALA A 65 -10.91 -17.64 7.22
N TYR A 66 -10.27 -17.35 6.09
CA TYR A 66 -10.97 -16.60 5.03
C TYR A 66 -11.95 -17.52 4.38
N GLU A 67 -11.56 -18.78 4.26
CA GLU A 67 -12.43 -19.71 3.52
C GLU A 67 -13.73 -19.88 4.31
N ARG A 68 -13.65 -19.71 5.62
CA ARG A 68 -14.84 -19.85 6.47
C ARG A 68 -15.73 -18.59 6.39
N ILE A 69 -15.18 -17.40 6.17
CA ILE A 69 -16.00 -16.15 6.23
C ILE A 69 -16.31 -15.58 4.83
N ARG A 70 -15.79 -16.17 3.78
CA ARG A 70 -15.92 -15.60 2.40
C ARG A 70 -17.39 -15.37 2.06
N ASP A 71 -18.22 -16.39 2.21
CA ASP A 71 -19.67 -16.30 1.88
C ASP A 71 -20.28 -15.02 2.45
N ARG A 72 -20.17 -14.80 3.76
CA ARG A 72 -20.73 -13.61 4.43
C ARG A 72 -20.29 -12.32 3.74
N VAL A 73 -19.01 -12.21 3.41
CA VAL A 73 -18.49 -10.99 2.73
C VAL A 73 -19.13 -10.85 1.34
N ALA A 74 -19.18 -11.92 0.58
CA ALA A 74 -19.71 -11.87 -0.79
C ALA A 74 -21.21 -11.53 -0.80
N ALA A 75 -21.92 -11.83 0.27
CA ALA A 75 -23.39 -11.63 0.26
C ALA A 75 -23.74 -10.22 0.72
N VAL A 76 -22.71 -9.48 1.12
CA VAL A 76 -22.95 -8.09 1.57
C VAL A 76 -23.63 -7.36 0.41
N PRO A 77 -24.73 -6.65 0.66
CA PRO A 77 -25.38 -5.84 -0.38
C PRO A 77 -24.37 -4.91 -1.05
N GLY A 78 -24.18 -5.04 -2.35
CA GLY A 78 -23.28 -4.14 -3.10
C GLY A 78 -21.95 -4.75 -3.53
N HIS A 79 -21.58 -5.90 -2.97
CA HIS A 79 -20.34 -6.58 -3.40
C HIS A 79 -20.52 -7.20 -4.79
N VAL A 80 -19.57 -6.94 -5.68
CA VAL A 80 -19.61 -7.48 -7.07
C VAL A 80 -18.57 -8.57 -7.25
N SER A 81 -17.35 -8.37 -6.76
CA SER A 81 -16.24 -9.32 -7.01
C SER A 81 -15.15 -9.22 -5.95
N ASP A 82 -14.33 -10.25 -5.81
CA ASP A 82 -13.18 -10.18 -4.87
C ASP A 82 -12.05 -11.07 -5.37
N GLN A 83 -10.85 -10.87 -4.83
CA GLN A 83 -9.63 -11.62 -5.22
C GLN A 83 -8.69 -11.65 -4.01
N LEU A 84 -8.35 -12.83 -3.50
CA LEU A 84 -7.39 -12.99 -2.37
C LEU A 84 -6.04 -13.34 -3.00
N CYS A 85 -5.03 -12.54 -2.69
CA CYS A 85 -3.74 -12.72 -3.37
C CYS A 85 -2.60 -12.70 -2.35
N GLN A 86 -1.54 -13.47 -2.60
CA GLN A 86 -0.33 -13.50 -1.73
C GLN A 86 0.83 -12.86 -2.50
N SER A 87 1.67 -12.09 -1.81
CA SER A 87 2.80 -11.40 -2.48
C SER A 87 3.80 -12.41 -3.02
N LEU A 88 4.34 -12.12 -4.20
CA LEU A 88 5.37 -12.97 -4.81
C LEU A 88 6.70 -12.59 -4.20
N GLU A 89 6.70 -11.65 -3.27
CA GLU A 89 7.97 -11.15 -2.70
C GLU A 89 8.03 -11.35 -1.19
N ASN A 90 6.88 -11.55 -0.55
CA ASN A 90 6.83 -11.69 0.93
C ASN A 90 5.56 -12.46 1.25
N PRO A 91 5.66 -13.66 1.85
CA PRO A 91 4.47 -14.51 2.13
C PRO A 91 3.58 -13.96 3.24
N THR A 92 3.99 -12.87 3.89
CA THR A 92 3.20 -12.26 4.98
C THR A 92 2.38 -11.15 4.41
N GLN A 93 2.66 -10.79 3.17
CA GLN A 93 1.93 -9.69 2.52
C GLN A 93 0.77 -10.27 1.71
N TRP A 94 -0.45 -9.88 2.04
CA TRP A 94 -1.65 -10.36 1.32
C TRP A 94 -2.51 -9.20 0.85
N LEU A 95 -3.26 -9.43 -0.23
CA LEU A 95 -4.15 -8.40 -0.81
C LEU A 95 -5.56 -8.95 -0.98
N LEU A 96 -6.54 -8.23 -0.48
CA LEU A 96 -7.93 -8.59 -0.76
C LEU A 96 -8.49 -7.40 -1.53
N THR A 97 -8.62 -7.55 -2.83
CA THR A 97 -9.14 -6.47 -3.67
C THR A 97 -10.58 -6.79 -3.95
N SER A 98 -11.44 -5.80 -3.81
CA SER A 98 -12.89 -6.00 -3.98
C SER A 98 -13.49 -4.93 -4.87
N GLU A 99 -14.57 -5.28 -5.57
CA GLU A 99 -15.29 -4.28 -6.38
C GLU A 99 -16.71 -4.13 -5.81
N TRP A 100 -17.16 -2.89 -5.71
CA TRP A 100 -18.50 -2.59 -5.19
C TRP A 100 -19.25 -1.76 -6.22
N GLU A 101 -20.56 -1.82 -6.20
CA GLU A 101 -21.39 -1.13 -7.21
C GLU A 101 -21.21 0.38 -7.11
N SER A 102 -21.21 0.89 -5.90
CA SER A 102 -20.99 2.32 -5.65
C SER A 102 -20.40 2.43 -4.24
N ALA A 103 -20.08 3.65 -3.83
CA ALA A 103 -19.44 3.85 -2.52
C ALA A 103 -20.41 3.59 -1.39
N ALA A 104 -21.68 3.87 -1.60
CA ALA A 104 -22.67 3.81 -0.49
C ALA A 104 -22.79 2.42 0.14
N PRO A 105 -23.05 1.33 -0.60
CA PRO A 105 -23.08 -0.04 -0.01
C PRO A 105 -21.82 -0.40 0.77
N PHE A 106 -20.66 -0.07 0.23
CA PHE A 106 -19.37 -0.39 0.87
C PHE A 106 -19.21 0.43 2.12
N LEU A 107 -19.50 1.72 2.04
CA LEU A 107 -19.25 2.61 3.19
C LEU A 107 -20.18 2.22 4.32
N ALA A 108 -21.31 1.60 4.00
CA ALA A 108 -22.30 1.19 5.02
C ALA A 108 -21.85 -0.07 5.73
N TRP A 109 -21.00 -0.85 5.08
CA TRP A 109 -20.61 -2.13 5.70
C TRP A 109 -19.21 -2.01 6.29
N VAL A 110 -18.38 -1.14 5.73
CA VAL A 110 -16.96 -1.11 6.16
C VAL A 110 -16.89 -0.69 7.64
N ASN A 111 -17.76 0.20 8.07
CA ASN A 111 -17.71 0.70 9.45
C ASN A 111 -18.78 -0.01 10.28
N SER A 112 -19.37 -1.07 9.73
CA SER A 112 -20.47 -1.79 10.43
C SER A 112 -19.94 -2.73 11.50
N ASP A 113 -20.78 -3.04 12.48
CA ASP A 113 -20.40 -3.99 13.55
C ASP A 113 -20.51 -5.39 12.96
N GLU A 114 -21.29 -5.52 11.89
CA GLU A 114 -21.40 -6.81 11.17
C GLU A 114 -20.07 -7.08 10.45
N HIS A 115 -19.42 -6.06 9.93
CA HIS A 115 -18.07 -6.30 9.37
C HIS A 115 -17.14 -6.79 10.47
N LEU A 116 -17.14 -6.13 11.64
CA LEU A 116 -16.17 -6.46 12.70
C LEU A 116 -16.37 -7.90 13.16
N ASP A 117 -17.62 -8.31 13.32
CA ASP A 117 -17.90 -9.71 13.76
C ASP A 117 -17.57 -10.69 12.63
N THR A 118 -17.75 -10.29 11.38
CA THR A 118 -17.41 -11.15 10.23
C THR A 118 -15.92 -11.38 10.15
N VAL A 119 -15.09 -10.40 10.49
CA VAL A 119 -13.62 -10.56 10.25
C VAL A 119 -12.81 -10.72 11.55
N GLU A 120 -13.46 -11.13 12.64
CA GLU A 120 -12.78 -11.27 13.96
C GLU A 120 -11.87 -12.50 14.08
N PRO A 121 -12.06 -13.65 13.38
CA PRO A 121 -11.11 -14.80 13.45
C PRO A 121 -9.94 -14.61 12.52
N LEU A 122 -9.76 -13.39 12.08
CA LEU A 122 -8.52 -13.16 11.35
C LEU A 122 -7.61 -12.49 12.38
N ALA A 123 -8.17 -12.11 13.54
CA ALA A 123 -7.32 -11.33 14.46
C ALA A 123 -6.21 -12.18 15.06
N THR A 124 -6.43 -13.48 15.15
CA THR A 124 -5.38 -14.37 15.64
C THR A 124 -4.24 -14.46 14.64
N CYS A 125 -4.53 -14.35 13.34
CA CYS A 125 -3.49 -14.59 12.30
C CYS A 125 -3.07 -13.31 11.55
N VAL A 126 -3.77 -12.19 11.73
CA VAL A 126 -3.45 -10.93 10.98
C VAL A 126 -2.81 -9.90 11.92
N ARG A 127 -1.66 -9.35 11.54
CA ARG A 127 -0.90 -8.36 12.36
C ARG A 127 -1.38 -6.93 12.12
N ASP A 128 -1.64 -6.55 10.87
CA ASP A 128 -2.13 -5.20 10.53
C ASP A 128 -2.87 -5.23 9.20
N THR A 129 -3.66 -4.19 8.94
CA THR A 129 -4.40 -4.05 7.68
C THR A 129 -4.29 -2.63 7.21
N HIS A 130 -4.43 -2.40 5.91
CA HIS A 130 -4.45 -1.04 5.32
C HIS A 130 -5.46 -1.12 4.17
N SER A 131 -6.53 -0.36 4.28
CA SER A 131 -7.62 -0.38 3.27
C SER A 131 -7.64 0.93 2.49
N LEU A 132 -7.31 0.87 1.22
CA LEU A 132 -7.40 2.08 0.38
C LEU A 132 -8.64 1.91 -0.50
N ARG A 133 -9.38 3.00 -0.69
CA ARG A 133 -10.64 2.93 -1.45
C ARG A 133 -10.61 3.89 -2.63
N TYR A 134 -11.00 3.42 -3.81
CA TYR A 134 -10.90 4.25 -5.03
C TYR A 134 -12.15 4.14 -5.91
N SER A 135 -12.37 5.18 -6.73
CA SER A 135 -13.47 5.19 -7.73
C SER A 135 -12.88 4.81 -9.08
N VAL A 136 -13.58 3.97 -9.84
CA VAL A 136 -13.07 3.47 -11.15
C VAL A 136 -13.35 4.51 -12.23
N LEU A 137 -12.32 4.91 -12.95
CA LEU A 137 -12.47 5.95 -13.98
C LEU A 137 -12.33 5.32 -15.36
N ARG A 138 -11.40 4.37 -15.49
CA ARG A 138 -11.14 3.73 -16.79
C ARG A 138 -10.93 2.23 -16.60
N GLU A 139 -11.28 1.43 -17.62
CA GLU A 139 -11.15 -0.04 -17.54
C GLU A 139 -10.69 -0.61 -18.89
N THR A 140 -9.87 -1.65 -18.85
CA THR A 140 -9.43 -2.33 -20.08
C THR A 140 -9.75 -3.80 -19.91
N ASP A 141 -10.53 -4.36 -20.80
CA ASP A 141 -10.90 -5.79 -20.72
C ASP A 141 -10.99 -6.34 -22.12
N GLY A 142 -10.29 -7.43 -22.38
CA GLY A 142 -10.28 -7.98 -23.74
C GLY A 142 -9.31 -7.21 -24.60
N GLY A 143 -8.23 -6.70 -24.00
CA GLY A 143 -7.21 -5.95 -24.75
C GLY A 143 -7.80 -4.67 -25.27
N ARG A 144 -9.06 -4.43 -24.98
CA ARG A 144 -9.77 -3.24 -25.50
C ARG A 144 -10.49 -2.52 -24.35
N PRO A 145 -10.45 -1.17 -24.27
CA PRO A 145 -11.28 -0.43 -23.30
C PRO A 145 -12.63 -1.11 -23.17
N ALA A 146 -13.09 -1.31 -21.94
CA ALA A 146 -14.35 -2.02 -21.68
C ALA A 146 -15.58 -1.22 -22.08
N PRO A 147 -16.64 -1.90 -22.58
CA PRO A 147 -17.92 -1.23 -22.89
C PRO A 147 -18.53 -0.86 -21.56
N GLY A 148 -18.75 0.44 -21.32
CA GLY A 148 -19.28 0.86 -20.02
C GLY A 148 -18.21 1.61 -19.28
N GLU A 149 -16.98 1.51 -19.76
CA GLU A 149 -15.90 2.29 -19.15
C GLU A 149 -16.43 3.70 -18.97
N PRO A 150 -16.32 4.33 -17.78
CA PRO A 150 -16.77 5.72 -17.64
C PRO A 150 -15.93 6.66 -18.47
N ARG A 151 -16.49 7.81 -18.79
CA ARG A 151 -15.74 8.87 -19.51
C ARG A 151 -15.73 10.05 -18.54
N SER A 152 -15.90 9.74 -17.26
CA SER A 152 -15.90 10.78 -16.20
C SER A 152 -14.56 11.53 -16.17
N ALA A 153 -14.61 12.72 -15.59
CA ALA A 153 -13.40 13.55 -15.51
C ALA A 153 -12.80 13.40 -14.13
N PRO A 154 -11.50 13.64 -13.98
CA PRO A 154 -10.83 13.47 -12.68
C PRO A 154 -11.19 14.57 -11.71
N ARG A 155 -11.29 14.21 -10.45
CA ARG A 155 -11.49 15.24 -9.40
C ARG A 155 -10.12 15.88 -9.26
N ILE A 156 -10.08 17.21 -9.32
CA ILE A 156 -8.79 17.93 -9.27
C ILE A 156 -8.53 18.26 -7.80
N GLY A 157 -7.27 18.35 -7.38
CA GLY A 157 -7.05 18.76 -5.99
C GLY A 157 -5.65 18.58 -5.46
N ASP A 158 -5.47 18.93 -4.20
CA ASP A 158 -4.16 18.84 -3.53
C ASP A 158 -4.11 17.59 -2.64
N ASN A 159 -2.91 17.21 -2.22
CA ASN A 159 -2.71 15.99 -1.38
C ASN A 159 -3.21 16.28 0.03
N VAL A 160 -4.51 16.18 0.23
CA VAL A 160 -5.09 16.34 1.59
C VAL A 160 -6.13 15.24 1.81
N VAL A 161 -6.11 14.63 2.99
CA VAL A 161 -7.16 13.65 3.35
C VAL A 161 -7.91 14.23 4.55
N ARG A 162 -9.23 14.13 4.50
CA ARG A 162 -10.07 14.62 5.60
C ARG A 162 -10.76 13.41 6.22
N HIS A 163 -10.79 13.36 7.54
CA HIS A 163 -11.46 12.28 8.29
C HIS A 163 -12.10 12.86 9.54
N ALA A 164 -13.19 12.25 9.97
CA ALA A 164 -13.82 12.69 11.22
C ALA A 164 -14.01 11.54 12.21
N LEU A 165 -13.97 11.85 13.51
CA LEU A 165 -14.22 10.88 14.59
C LEU A 165 -15.33 11.46 15.46
N THR A 166 -16.30 10.62 15.84
CA THR A 166 -17.39 11.04 16.73
C THR A 166 -17.58 10.00 17.79
N PHE A 167 -17.86 10.45 18.99
CA PHE A 167 -18.04 9.55 20.14
C PHE A 167 -18.90 10.26 21.14
N THR A 168 -19.37 9.54 22.15
CA THR A 168 -20.25 10.11 23.16
C THR A 168 -19.62 9.95 24.52
N VAL A 169 -19.92 10.86 25.44
CA VAL A 169 -19.38 10.79 26.83
C VAL A 169 -20.55 10.75 27.83
N ARG A 170 -20.28 10.30 29.04
CA ARG A 170 -21.35 10.05 30.03
C ARG A 170 -22.08 11.32 30.48
N PRO A 171 -23.41 11.30 30.52
CA PRO A 171 -24.18 12.44 31.02
C PRO A 171 -23.60 12.83 32.38
N GLY A 172 -23.01 14.03 32.47
CA GLY A 172 -22.43 14.54 33.72
C GLY A 172 -20.93 14.72 33.61
N THR A 173 -20.37 14.42 32.45
CA THR A 173 -18.92 14.48 32.27
C THR A 173 -18.59 15.43 31.15
N GLU A 174 -19.60 16.10 30.60
CA GLU A 174 -19.40 16.99 29.42
C GLU A 174 -18.38 18.11 29.65
N ALA A 175 -18.51 18.89 30.72
CA ALA A 175 -17.60 20.02 31.00
C ALA A 175 -16.16 19.55 31.20
N GLU A 176 -15.99 18.43 31.89
CA GLU A 176 -14.65 17.84 32.10
C GLU A 176 -14.03 17.38 30.79
N THR A 177 -14.83 16.75 29.94
CA THR A 177 -14.31 16.24 28.67
C THR A 177 -13.92 17.42 27.82
N ALA A 178 -14.73 18.48 27.84
CA ALA A 178 -14.47 19.67 27.02
C ALA A 178 -13.15 20.32 27.40
N ARG A 179 -12.83 20.39 28.68
CA ARG A 179 -11.56 21.02 29.15
C ARG A 179 -10.38 20.16 28.72
N LEU A 180 -10.49 18.86 28.96
CA LEU A 180 -9.41 17.93 28.56
C LEU A 180 -9.05 18.15 27.09
N LEU A 181 -10.04 18.12 26.22
CA LEU A 181 -9.78 18.19 24.76
C LEU A 181 -9.41 19.60 24.30
N SER A 182 -9.87 20.62 25.01
CA SER A 182 -9.52 22.02 24.64
C SER A 182 -8.09 22.31 25.10
N GLU A 183 -7.57 21.51 26.02
CA GLU A 183 -6.24 21.80 26.61
C GLU A 183 -5.31 20.58 26.55
N TYR A 184 -5.00 20.12 25.36
CA TYR A 184 -4.08 18.97 25.19
C TYR A 184 -2.83 19.49 24.57
N VAL A 185 -1.77 18.72 24.70
CA VAL A 185 -0.47 19.13 24.13
C VAL A 185 -0.42 18.61 22.70
N SER A 186 -0.47 19.53 21.76
CA SER A 186 -0.48 19.15 20.33
C SER A 186 0.74 18.30 20.01
N PRO A 187 0.55 17.20 19.25
CA PRO A 187 1.67 16.37 18.82
C PRO A 187 2.51 17.05 17.77
N ASP A 188 3.64 16.42 17.43
CA ASP A 188 4.49 16.93 16.33
C ASP A 188 3.75 16.60 15.04
N ALA A 189 3.42 17.63 14.27
CA ALA A 189 2.67 17.46 13.01
C ALA A 189 3.51 16.64 12.05
N HIS A 190 4.82 16.70 12.24
CA HIS A 190 5.73 15.98 11.31
C HIS A 190 5.63 14.48 11.56
N VAL A 191 5.15 13.76 10.54
CA VAL A 191 5.10 12.29 10.58
C VAL A 191 6.26 11.88 9.67
N ASP A 192 6.30 12.42 8.45
CA ASP A 192 7.45 12.16 7.54
C ASP A 192 7.52 13.05 6.33
N GLY A 193 8.43 12.70 5.43
CA GLY A 193 8.54 13.48 4.19
C GLY A 193 7.24 13.35 3.46
N SER A 194 6.62 12.19 3.59
CA SER A 194 5.32 11.98 2.92
C SER A 194 4.15 12.50 3.76
N THR A 195 4.09 12.19 5.04
CA THR A 195 2.88 12.51 5.81
C THR A 195 3.04 13.63 6.81
N ARG A 196 2.12 14.58 6.83
CA ARG A 196 2.11 15.64 7.87
C ARG A 196 0.67 15.95 8.33
N LEU A 197 0.48 16.23 9.62
CA LEU A 197 -0.85 16.66 10.12
C LEU A 197 -0.99 18.15 9.80
N LEU A 198 -2.12 18.55 9.25
CA LEU A 198 -2.26 19.95 8.80
C LEU A 198 -3.20 20.74 9.69
N ARG A 199 -4.14 20.09 10.34
CA ARG A 199 -5.14 20.78 11.18
C ARG A 199 -5.94 19.74 11.94
N THR A 200 -6.36 20.09 13.15
CA THR A 200 -7.20 19.22 13.98
C THR A 200 -8.19 20.14 14.59
N SER A 201 -9.46 19.87 14.36
CA SER A 201 -10.52 20.74 14.86
C SER A 201 -11.48 19.91 15.69
N LEU A 202 -11.71 20.32 16.93
CA LEU A 202 -12.57 19.54 17.85
C LEU A 202 -13.80 20.37 18.19
N PHE A 203 -14.89 19.68 18.37
CA PHE A 203 -16.17 20.34 18.66
C PHE A 203 -16.96 19.50 19.64
N MET A 204 -17.90 20.14 20.30
CA MET A 204 -18.81 19.42 21.20
C MET A 204 -20.24 19.92 21.10
N SER A 205 -21.21 19.01 21.16
CA SER A 205 -22.65 19.35 21.25
C SER A 205 -23.22 18.33 22.25
N GLY A 206 -23.83 18.79 23.33
CA GLY A 206 -24.29 17.87 24.38
C GLY A 206 -23.18 16.97 24.83
N ASN A 207 -23.37 15.66 24.76
CA ASN A 207 -22.36 14.68 25.19
C ASN A 207 -21.59 14.12 23.98
N ARG A 208 -21.77 14.73 22.80
CA ARG A 208 -21.11 14.26 21.55
C ARG A 208 -19.89 15.08 21.18
N ILE A 209 -18.79 14.41 20.97
CA ILE A 209 -17.57 15.07 20.47
C ILE A 209 -17.36 14.68 19.00
N VAL A 210 -16.91 15.62 18.18
CA VAL A 210 -16.57 15.35 16.76
C VAL A 210 -15.14 15.88 16.59
N ARG A 211 -14.26 15.04 16.04
CA ARG A 211 -12.88 15.50 15.74
C ARG A 211 -12.64 15.35 14.24
N ALA A 212 -12.17 16.41 13.62
CA ALA A 212 -11.85 16.37 12.19
C ALA A 212 -10.40 16.76 11.99
N VAL A 213 -9.76 16.12 11.03
CA VAL A 213 -8.33 16.35 10.77
C VAL A 213 -8.09 16.59 9.28
N GLU A 214 -7.05 17.34 8.98
CA GLU A 214 -6.59 17.50 7.59
C GLU A 214 -5.16 16.92 7.62
N VAL A 215 -4.89 15.96 6.74
CA VAL A 215 -3.59 15.25 6.73
C VAL A 215 -3.01 15.25 5.31
N ARG A 216 -1.75 15.59 5.19
CA ARG A 216 -1.05 15.49 3.90
C ARG A 216 -0.48 14.07 3.85
N GLY A 217 -0.80 13.33 2.79
CA GLY A 217 -0.32 11.95 2.63
C GLY A 217 -1.25 10.91 3.18
N ASP A 218 -0.73 9.91 3.88
CA ASP A 218 -1.51 8.74 4.34
C ASP A 218 -2.20 8.92 5.69
N LEU A 219 -3.51 8.71 5.71
CA LEU A 219 -4.28 8.94 6.95
C LEU A 219 -3.81 8.00 8.08
N GLN A 220 -3.71 6.70 7.81
CA GLN A 220 -3.37 5.72 8.87
C GLN A 220 -2.00 6.05 9.48
N THR A 221 -0.99 6.28 8.66
CA THR A 221 0.36 6.63 9.15
C THR A 221 0.29 7.82 10.07
N ALA A 222 -0.40 8.86 9.66
CA ALA A 222 -0.54 10.09 10.46
C ALA A 222 -1.19 9.79 11.80
N LEU A 223 -2.38 9.24 11.75
CA LEU A 223 -3.11 8.98 13.00
C LEU A 223 -2.31 8.10 13.95
N ARG A 224 -1.53 7.16 13.43
CA ARG A 224 -0.75 6.23 14.28
C ARG A 224 0.42 6.99 14.90
N HIS A 225 1.01 7.92 14.16
CA HIS A 225 2.08 8.77 14.71
C HIS A 225 1.46 9.68 15.78
N VAL A 226 0.25 10.15 15.52
CA VAL A 226 -0.39 11.10 16.46
C VAL A 226 -0.77 10.36 17.75
N ALA A 227 -1.30 9.14 17.63
CA ALA A 227 -1.77 8.40 18.82
C ALA A 227 -0.62 7.94 19.71
N ARG A 228 0.61 7.94 19.19
CA ARG A 228 1.77 7.43 19.96
C ARG A 228 2.45 8.57 20.72
N GLN A 229 2.04 9.80 20.46
CA GLN A 229 2.63 10.98 21.12
C GLN A 229 2.14 11.09 22.57
N PRO A 230 3.01 11.49 23.52
CA PRO A 230 2.66 11.52 24.96
C PRO A 230 1.56 12.52 25.27
N GLY A 231 1.58 13.67 24.62
CA GLY A 231 0.54 14.70 24.82
C GLY A 231 -0.83 14.17 24.49
N VAL A 232 -0.95 13.42 23.40
CA VAL A 232 -2.25 12.83 22.99
C VAL A 232 -2.53 11.57 23.81
N ARG A 233 -1.55 10.72 24.04
CA ARG A 233 -1.92 9.47 24.78
C ARG A 233 -2.39 9.84 26.20
N ALA A 234 -1.86 10.92 26.77
CA ALA A 234 -2.32 11.37 28.10
C ALA A 234 -3.79 11.75 28.04
N VAL A 235 -4.19 12.54 27.04
CA VAL A 235 -5.60 13.02 26.99
C VAL A 235 -6.51 11.80 26.80
N GLU A 236 -6.02 10.81 26.09
CA GLU A 236 -6.86 9.63 25.79
C GLU A 236 -7.07 8.82 27.08
N GLU A 237 -6.04 8.75 27.90
CA GLU A 237 -6.15 7.98 29.17
C GLU A 237 -7.06 8.71 30.15
N ALA A 238 -7.21 10.02 30.00
CA ALA A 238 -8.04 10.82 30.93
C ALA A 238 -9.50 10.83 30.50
N LEU A 239 -9.77 10.48 29.24
CA LEU A 239 -11.14 10.51 28.68
C LEU A 239 -11.79 9.15 28.85
N ASN A 240 -11.01 8.09 28.73
CA ASN A 240 -11.59 6.72 28.76
C ASN A 240 -12.64 6.59 29.87
N PRO A 241 -12.37 7.04 31.11
CA PRO A 241 -13.36 7.00 32.20
C PRO A 241 -14.67 7.71 31.85
N TYR A 242 -14.69 8.58 30.85
CA TYR A 242 -15.90 9.37 30.52
C TYR A 242 -16.69 8.77 29.34
N LEU A 243 -16.03 8.01 28.48
CA LEU A 243 -16.68 7.47 27.25
C LEU A 243 -17.91 6.62 27.56
N GLU A 244 -18.99 6.83 26.81
CA GLU A 244 -20.26 6.08 27.00
C GLU A 244 -20.01 4.63 26.57
N GLN A 245 -19.06 4.41 25.66
CA GLN A 245 -18.68 3.03 25.27
C GLN A 245 -17.27 2.87 25.78
N ASP A 246 -17.00 1.79 26.49
CA ASP A 246 -15.66 1.71 27.13
C ASP A 246 -14.70 0.94 26.24
N ARG A 247 -13.49 1.48 26.13
CA ARG A 247 -12.46 0.87 25.28
C ARG A 247 -11.19 0.71 26.12
N ASP A 248 -10.29 -0.17 25.69
CA ASP A 248 -8.98 -0.32 26.34
C ASP A 248 -7.97 -0.03 25.25
N LEU A 249 -7.46 1.19 25.19
CA LEU A 249 -6.41 1.51 24.19
C LEU A 249 -5.35 0.40 24.22
N GLY A 250 -5.21 -0.31 25.35
CA GLY A 250 -4.28 -1.45 25.43
C GLY A 250 -4.57 -2.48 24.35
N ASP A 251 -5.78 -3.03 24.32
CA ASP A 251 -6.17 -4.08 23.33
C ASP A 251 -6.41 -3.42 21.99
N PRO A 252 -5.60 -3.75 20.97
CA PRO A 252 -5.79 -3.19 19.60
C PRO A 252 -7.20 -3.51 19.10
N GLN A 253 -7.77 -4.59 19.60
CA GLN A 253 -9.12 -4.98 19.15
C GLN A 253 -10.18 -4.06 19.77
N SER A 254 -10.07 -3.68 21.05
CA SER A 254 -11.07 -2.72 21.57
C SER A 254 -10.84 -1.35 20.95
N ALA A 255 -9.61 -1.10 20.54
CA ALA A 255 -9.28 0.19 19.92
C ALA A 255 -9.86 0.24 18.51
N ARG A 256 -9.64 -0.82 17.73
CA ARG A 256 -10.09 -0.82 16.31
C ARG A 256 -11.61 -0.76 16.27
N ARG A 257 -12.25 -1.32 17.27
CA ARG A 257 -13.73 -1.35 17.22
C ARG A 257 -14.27 0.03 17.52
N PHE A 258 -13.65 0.72 18.48
CA PHE A 258 -14.04 2.12 18.79
C PHE A 258 -13.88 2.98 17.54
N PHE A 259 -12.74 2.87 16.86
CA PHE A 259 -12.45 3.72 15.69
C PHE A 259 -13.35 3.34 14.53
N THR A 260 -13.66 2.05 14.39
CA THR A 260 -14.61 1.63 13.34
C THR A 260 -15.95 2.21 13.66
N ARG A 261 -16.30 2.25 14.94
CA ARG A 261 -17.63 2.73 15.36
C ARG A 261 -17.67 4.25 15.46
N ALA A 262 -16.51 4.89 15.43
CA ALA A 262 -16.44 6.35 15.56
C ALA A 262 -16.17 7.04 14.23
N ALA A 263 -15.66 6.31 13.25
CA ALA A 263 -15.30 6.88 11.94
C ALA A 263 -16.45 7.60 11.26
N MET A 264 -16.17 8.81 10.81
CA MET A 264 -17.17 9.60 10.07
C MET A 264 -16.43 10.03 8.81
N PRO A 265 -16.42 9.16 7.78
CA PRO A 265 -15.74 9.44 6.51
C PRO A 265 -16.21 10.75 5.88
N ALA A 266 -15.31 11.44 5.20
CA ALA A 266 -15.69 12.64 4.44
C ALA A 266 -16.33 12.21 3.11
N VAL A 267 -17.61 12.49 2.93
CA VAL A 267 -18.37 12.02 1.72
C VAL A 267 -18.44 13.12 0.65
N HIS A 268 -18.03 14.33 0.99
CA HIS A 268 -18.02 15.48 0.04
C HIS A 268 -17.12 16.62 0.51
N HIS A 269 -16.28 17.08 -0.39
CA HIS A 269 -15.47 18.27 -0.12
C HIS A 269 -15.55 19.16 -1.35
N ALA A 270 -15.93 20.40 -1.11
CA ALA A 270 -16.03 21.38 -2.17
C ALA A 270 -15.25 22.61 -1.74
N THR A 271 -14.47 23.17 -2.64
CA THR A 271 -13.68 24.38 -2.35
C THR A 271 -14.23 25.51 -3.16
N TYR A 272 -14.31 26.67 -2.55
CA TYR A 272 -14.93 27.83 -3.23
C TYR A 272 -13.92 28.92 -3.42
N PRO A 273 -14.19 29.88 -4.32
CA PRO A 273 -13.27 31.00 -4.57
C PRO A 273 -13.04 31.80 -3.29
N ASP A 274 -11.80 32.19 -3.09
CA ASP A 274 -11.44 32.90 -1.86
C ASP A 274 -12.09 34.29 -1.82
N ARG A 275 -12.28 34.80 -0.61
CA ARG A 275 -12.89 36.13 -0.41
C ARG A 275 -11.89 37.08 0.29
N SER A 276 -12.20 38.37 0.35
CA SER A 276 -11.26 39.40 0.89
C SER A 276 -11.76 39.96 2.23
N GLY A 277 -12.40 39.13 3.03
CA GLY A 277 -12.89 39.56 4.34
C GLY A 277 -11.82 39.48 5.41
N ALA A 278 -12.00 40.25 6.47
CA ALA A 278 -11.03 40.32 7.58
C ALA A 278 -11.37 39.32 8.68
N ARG A 279 -12.58 38.76 8.66
CA ARG A 279 -12.94 37.70 9.62
C ARG A 279 -13.04 36.34 8.93
N ARG A 280 -12.41 35.32 9.50
CA ARG A 280 -12.52 33.93 8.98
C ARG A 280 -12.91 33.00 10.14
N GLU A 281 -13.84 32.08 9.90
CA GLU A 281 -14.36 31.22 10.98
C GLU A 281 -14.60 29.79 10.50
N ARG A 282 -14.16 28.81 11.27
CA ARG A 282 -14.48 27.40 10.95
C ARG A 282 -15.60 26.94 11.88
N LEU A 283 -16.68 26.45 11.30
CA LEU A 283 -17.78 25.97 12.13
C LEU A 283 -18.08 24.51 11.84
N ALA A 284 -18.64 23.83 12.82
CA ALA A 284 -19.13 22.46 12.63
C ALA A 284 -20.63 22.48 12.84
N LEU A 285 -21.32 21.98 11.86
CA LEU A 285 -22.77 21.96 11.96
C LEU A 285 -23.27 20.51 12.11
N LEU A 286 -23.86 20.19 13.25
CA LEU A 286 -24.45 18.86 13.51
C LEU A 286 -25.95 18.94 13.16
N TYR A 287 -26.38 18.16 12.18
CA TYR A 287 -27.77 18.23 11.70
C TYR A 287 -28.71 17.33 12.52
N PRO A 288 -29.83 17.86 13.01
CA PRO A 288 -30.85 17.07 13.73
C PRO A 288 -31.56 16.19 12.72
N VAL A 289 -31.09 14.96 12.57
CA VAL A 289 -31.62 14.07 11.50
C VAL A 289 -32.74 13.16 12.01
N ARG A 290 -33.73 12.93 11.17
CA ARG A 290 -34.79 11.97 11.56
C ARG A 290 -34.21 10.57 11.34
N ASP A 291 -34.78 9.58 12.00
CA ASP A 291 -34.26 8.19 11.92
C ASP A 291 -34.30 7.71 10.46
N GLY A 292 -33.19 7.18 9.97
CA GLY A 292 -33.10 6.67 8.59
C GLY A 292 -32.78 7.72 7.56
N ALA A 293 -32.72 8.99 7.94
CA ALA A 293 -32.57 10.06 6.93
C ALA A 293 -31.14 10.56 6.75
N GLY A 294 -30.20 10.07 7.51
CA GLY A 294 -28.82 10.57 7.44
C GLY A 294 -28.20 10.48 6.04
N PRO A 295 -28.23 9.32 5.36
CA PRO A 295 -27.59 9.16 4.04
C PRO A 295 -28.23 10.09 3.01
N ASP A 296 -29.50 10.39 3.20
CA ASP A 296 -30.24 11.24 2.25
C ASP A 296 -29.91 12.71 2.49
N LEU A 297 -29.73 13.09 3.75
CA LEU A 297 -29.36 14.49 4.08
C LEU A 297 -27.95 14.72 3.51
N ALA A 298 -27.08 13.74 3.65
CA ALA A 298 -25.69 13.88 3.18
C ALA A 298 -25.66 14.04 1.66
N ARG A 299 -26.55 13.36 0.96
CA ARG A 299 -26.62 13.45 -0.51
C ARG A 299 -27.19 14.81 -0.92
N LEU A 300 -28.16 15.31 -0.18
CA LEU A 300 -28.72 16.64 -0.45
C LEU A 300 -27.64 17.68 -0.20
N LEU A 301 -26.90 17.52 0.89
CA LEU A 301 -25.91 18.55 1.27
C LEU A 301 -24.77 18.53 0.25
N ALA A 302 -24.43 17.36 -0.24
CA ALA A 302 -23.35 17.26 -1.24
C ALA A 302 -23.76 17.90 -2.56
N ARG A 303 -25.02 17.72 -2.96
CA ARG A 303 -25.53 18.28 -4.23
C ARG A 303 -25.54 19.79 -4.10
N GLN A 304 -26.00 20.28 -2.97
CA GLN A 304 -26.04 21.72 -2.71
C GLN A 304 -24.62 22.29 -2.75
N ASP A 305 -23.68 21.59 -2.16
CA ASP A 305 -22.30 22.13 -2.08
C ASP A 305 -21.68 22.17 -3.48
N ALA A 306 -21.93 21.16 -4.30
CA ALA A 306 -21.41 21.14 -5.68
C ALA A 306 -22.15 22.17 -6.55
N ALA A 307 -23.40 22.46 -6.23
CA ALA A 307 -24.20 23.47 -6.95
C ALA A 307 -23.65 24.87 -6.64
N ALA A 308 -23.26 25.08 -5.41
CA ALA A 308 -22.62 26.36 -5.04
C ALA A 308 -21.25 26.49 -5.69
N ALA A 309 -20.55 25.40 -5.90
CA ALA A 309 -19.20 25.54 -6.46
C ALA A 309 -19.30 25.95 -7.93
N ARG A 310 -20.23 25.32 -8.65
CA ARG A 310 -20.44 25.62 -10.08
C ARG A 310 -20.85 27.09 -10.23
N ASN A 311 -21.75 27.56 -9.39
CA ASN A 311 -22.16 28.98 -9.43
C ASN A 311 -22.01 29.57 -8.02
N PRO A 312 -20.81 30.02 -7.63
CA PRO A 312 -20.55 30.48 -6.26
C PRO A 312 -21.37 31.69 -5.84
N ASP A 313 -21.91 31.61 -4.63
CA ASP A 313 -22.63 32.76 -4.04
C ASP A 313 -22.51 32.60 -2.51
N GLY A 314 -22.01 33.60 -1.81
CA GLY A 314 -22.01 33.51 -0.35
C GLY A 314 -20.65 33.52 0.29
N PRO A 315 -20.59 33.45 1.62
CA PRO A 315 -19.32 33.55 2.37
C PRO A 315 -18.61 32.21 2.57
N VAL A 316 -19.18 31.10 2.11
CA VAL A 316 -18.53 29.79 2.37
C VAL A 316 -17.25 29.75 1.52
N LEU A 317 -16.16 29.30 2.12
CA LEU A 317 -14.86 29.23 1.43
C LEU A 317 -14.53 27.76 1.18
N ALA A 318 -15.07 26.87 2.00
CA ALA A 318 -14.86 25.42 1.83
C ALA A 318 -15.87 24.66 2.69
N ALA A 319 -16.33 23.53 2.20
CA ALA A 319 -17.33 22.73 2.91
C ALA A 319 -17.02 21.23 2.81
N THR A 320 -16.98 20.57 3.95
CA THR A 320 -16.76 19.13 4.02
C THR A 320 -17.96 18.48 4.67
N VAL A 321 -18.51 17.46 4.01
CA VAL A 321 -19.63 16.68 4.59
C VAL A 321 -19.06 15.39 5.19
N PHE A 322 -19.29 15.19 6.48
CA PHE A 322 -18.85 13.96 7.16
C PHE A 322 -20.10 13.16 7.50
N HIS A 323 -20.07 11.86 7.25
CA HIS A 323 -21.30 11.07 7.42
C HIS A 323 -21.11 9.66 7.95
N ARG A 324 -21.91 9.31 8.95
CA ARG A 324 -21.98 7.95 9.50
C ARG A 324 -23.42 7.76 9.93
N ASP A 325 -24.18 6.96 9.22
CA ASP A 325 -25.57 6.60 9.59
C ASP A 325 -26.46 7.84 9.66
N ASP A 326 -27.00 8.13 10.84
CA ASP A 326 -27.85 9.33 11.03
C ASP A 326 -27.00 10.46 11.61
N LEU A 327 -25.70 10.36 11.50
CA LEU A 327 -24.81 11.45 11.93
C LEU A 327 -24.30 12.18 10.69
N VAL A 328 -24.74 13.41 10.52
CA VAL A 328 -24.29 14.24 9.37
C VAL A 328 -23.66 15.52 9.93
N VAL A 329 -22.40 15.72 9.59
CA VAL A 329 -21.72 16.96 10.03
C VAL A 329 -21.23 17.71 8.80
N ARG A 330 -21.42 19.02 8.78
CA ARG A 330 -20.82 19.85 7.71
C ARG A 330 -19.79 20.76 8.40
N LEU A 331 -18.54 20.65 7.99
CA LEU A 331 -17.46 21.51 8.52
C LEU A 331 -17.26 22.64 7.51
N VAL A 332 -17.57 23.86 7.92
CA VAL A 332 -17.53 24.98 6.98
C VAL A 332 -16.53 26.08 7.35
N ASP A 333 -15.78 26.54 6.37
CA ASP A 333 -14.87 27.68 6.57
C ASP A 333 -15.62 28.89 6.02
N VAL A 334 -15.76 29.93 6.81
CA VAL A 334 -16.62 31.05 6.38
C VAL A 334 -15.90 32.40 6.43
N ASP A 335 -16.16 33.24 5.44
CA ASP A 335 -15.63 34.61 5.39
C ASP A 335 -16.69 35.53 6.00
N GLY A 336 -16.30 36.31 6.98
CA GLY A 336 -17.25 37.20 7.66
C GLY A 336 -18.08 36.52 8.71
N ASP A 337 -19.15 37.18 9.14
CA ASP A 337 -20.03 36.63 10.19
C ASP A 337 -20.96 35.59 9.59
N PRO A 338 -20.85 34.33 10.02
CA PRO A 338 -21.66 33.23 9.46
C PRO A 338 -23.15 33.56 9.56
N GLU A 339 -23.54 34.38 10.52
CA GLU A 339 -24.97 34.69 10.75
C GLU A 339 -25.50 35.80 9.83
N ASP A 340 -24.68 36.34 8.94
CA ASP A 340 -25.16 37.35 7.95
C ASP A 340 -25.65 36.55 6.77
N ALA A 341 -25.36 35.25 6.71
CA ALA A 341 -25.76 34.40 5.56
C ALA A 341 -26.11 32.96 5.95
N PRO A 342 -27.19 32.71 6.72
CA PRO A 342 -27.50 31.35 7.23
C PRO A 342 -27.73 30.30 6.15
N ALA A 343 -28.49 30.60 5.11
CA ALA A 343 -28.81 29.54 4.12
C ALA A 343 -27.55 28.99 3.45
N GLU A 344 -26.64 29.89 3.12
CA GLU A 344 -25.44 29.45 2.38
C GLU A 344 -24.52 28.64 3.31
N VAL A 345 -24.39 29.05 4.57
CA VAL A 345 -23.57 28.30 5.54
C VAL A 345 -24.20 26.93 5.81
N LEU A 346 -25.52 26.87 5.95
CA LEU A 346 -26.25 25.62 6.27
C LEU A 346 -26.34 24.66 5.06
N GLY A 347 -26.01 25.12 3.86
CA GLY A 347 -26.14 24.30 2.65
C GLY A 347 -27.58 24.10 2.24
N LEU A 348 -28.48 24.94 2.74
CA LEU A 348 -29.93 24.77 2.46
C LEU A 348 -30.40 25.97 1.63
N HIS A 349 -29.55 26.43 0.71
CA HIS A 349 -29.94 27.50 -0.23
C HIS A 349 -30.94 26.98 -1.26
N GLY A 350 -31.72 27.90 -1.82
CA GLY A 350 -32.72 27.53 -2.84
C GLY A 350 -33.74 26.54 -2.35
N ARG A 351 -33.75 25.36 -2.94
CA ARG A 351 -34.78 24.34 -2.63
C ARG A 351 -34.35 23.42 -1.48
N GLY A 352 -33.08 23.44 -1.11
CA GLY A 352 -32.58 22.56 -0.05
C GLY A 352 -33.37 22.66 1.24
N ALA A 353 -33.69 23.86 1.69
CA ALA A 353 -34.40 24.02 2.99
C ALA A 353 -35.70 23.23 2.95
N ALA A 354 -36.41 23.33 1.85
CA ALA A 354 -37.66 22.58 1.67
C ALA A 354 -37.34 21.09 1.60
N ASP A 355 -36.35 20.74 0.79
CA ASP A 355 -36.01 19.31 0.61
C ASP A 355 -35.51 18.72 1.93
N ALA A 356 -35.04 19.56 2.87
CA ALA A 356 -34.44 19.07 4.13
C ALA A 356 -35.46 18.91 5.26
N GLU A 357 -36.58 19.60 5.18
CA GLU A 357 -37.63 19.53 6.22
C GLU A 357 -38.04 18.08 6.44
N ARG A 358 -38.11 17.32 5.35
CA ARG A 358 -38.51 15.90 5.42
C ARG A 358 -37.39 15.06 6.03
N LEU A 359 -36.18 15.56 6.02
CA LEU A 359 -35.05 14.73 6.51
C LEU A 359 -34.56 15.25 7.86
N LEU A 360 -35.15 16.32 8.37
CA LEU A 360 -34.61 16.92 9.60
C LEU A 360 -35.69 17.04 10.68
N ASP A 361 -35.28 16.97 11.95
CA ASP A 361 -36.18 17.11 13.12
C ASP A 361 -35.77 18.41 13.81
N ALA A 362 -36.12 19.53 13.21
CA ALA A 362 -35.68 20.85 13.71
C ALA A 362 -36.39 21.19 15.01
N ALA A 363 -37.58 20.64 15.21
CA ALA A 363 -38.37 20.93 16.42
C ALA A 363 -37.87 20.09 17.59
N ALA A 364 -37.01 19.13 17.32
CA ALA A 364 -36.38 18.40 18.43
C ALA A 364 -35.28 19.28 19.03
N VAL A 365 -34.74 20.23 18.26
CA VAL A 365 -33.70 21.16 18.77
C VAL A 365 -34.37 22.54 18.93
N GLY A 366 -35.69 22.59 18.81
CA GLY A 366 -36.44 23.82 19.13
C GLY A 366 -36.63 24.78 17.99
N VAL A 367 -36.51 24.32 16.74
CA VAL A 367 -36.60 25.31 15.64
C VAL A 367 -37.91 25.05 14.91
N ASP A 368 -38.88 25.92 15.13
CA ASP A 368 -40.15 25.82 14.38
C ASP A 368 -40.14 26.93 13.34
N GLY A 369 -41.03 26.85 12.35
CA GLY A 369 -41.07 27.85 11.27
C GLY A 369 -40.90 27.20 9.93
N SER A 370 -41.40 27.82 8.86
CA SER A 370 -41.19 27.29 7.49
C SER A 370 -39.70 27.31 7.17
N PRO A 371 -39.12 26.22 6.67
CA PRO A 371 -37.65 26.10 6.47
C PRO A 371 -37.03 27.17 5.59
N ALA A 372 -37.70 27.65 4.56
CA ALA A 372 -37.05 28.63 3.66
C ALA A 372 -37.01 30.02 4.29
N GLU A 373 -37.81 30.25 5.32
CA GLU A 373 -37.91 31.62 5.87
C GLU A 373 -36.57 31.99 6.48
N ALA A 374 -36.21 33.27 6.39
CA ALA A 374 -34.92 33.79 6.86
C ALA A 374 -34.71 33.60 8.35
N ALA A 375 -35.77 33.73 9.13
CA ALA A 375 -35.63 33.69 10.59
C ALA A 375 -35.53 32.26 11.07
N THR A 376 -36.02 31.34 10.25
CA THR A 376 -35.99 29.92 10.63
C THR A 376 -34.58 29.43 10.41
N LEU A 377 -33.98 29.80 9.29
CA LEU A 377 -32.62 29.33 8.94
C LEU A 377 -31.61 29.97 9.89
N SER A 378 -31.88 31.21 10.32
CA SER A 378 -30.99 31.89 11.30
C SER A 378 -30.98 31.15 12.63
N ARG A 379 -32.14 30.68 13.09
CA ARG A 379 -32.25 29.93 14.36
C ARG A 379 -31.70 28.51 14.21
N LEU A 380 -31.93 27.88 13.06
CA LEU A 380 -31.33 26.56 12.81
C LEU A 380 -29.80 26.65 12.86
N LEU A 381 -29.20 27.67 12.23
CA LEU A 381 -27.74 27.88 12.29
C LEU A 381 -27.27 27.98 13.75
N ARG A 382 -28.00 28.68 14.58
CA ARG A 382 -27.56 28.88 15.98
C ARG A 382 -27.62 27.58 16.76
N ARG A 383 -28.64 26.76 16.56
CA ARG A 383 -28.79 25.57 17.42
C ARG A 383 -27.94 24.39 16.95
N ILE A 384 -27.67 24.31 15.67
CA ILE A 384 -26.95 23.12 15.14
C ILE A 384 -25.44 23.43 15.07
N ARG A 385 -25.06 24.66 15.32
CA ARG A 385 -23.63 24.99 15.37
C ARG A 385 -23.03 24.34 16.62
N MET A 386 -22.03 23.52 16.42
CA MET A 386 -21.39 22.82 17.54
C MET A 386 -20.49 23.79 18.30
N THR A 387 -20.28 23.49 19.57
CA THR A 387 -19.39 24.32 20.41
C THR A 387 -17.97 24.01 20.05
N PRO A 388 -17.22 25.01 19.58
CA PRO A 388 -15.80 24.84 19.26
C PRO A 388 -14.99 24.59 20.54
N LEU A 389 -14.10 23.61 20.50
CA LEU A 389 -13.25 23.28 21.65
C LEU A 389 -11.81 23.70 21.37
N THR A 390 -11.27 23.27 20.24
CA THR A 390 -9.91 23.65 19.84
C THR A 390 -9.73 23.49 18.34
N ASP A 391 -9.02 24.43 17.71
CA ASP A 391 -8.71 24.39 16.26
C ASP A 391 -7.22 24.65 16.11
N ARG A 392 -6.45 23.58 15.97
CA ARG A 392 -4.98 23.67 15.94
C ARG A 392 -4.43 23.53 14.52
N ARG A 393 -3.87 24.60 13.99
CA ARG A 393 -3.36 24.60 12.60
C ARG A 393 -1.87 24.27 12.60
N SER A 394 -1.47 23.27 11.82
CA SER A 394 -0.05 22.89 11.67
C SER A 394 0.35 23.10 10.20
N ALA A 395 1.63 23.33 9.92
CA ALA A 395 2.08 23.69 8.55
C ALA A 395 1.63 22.67 7.51
N GLY B 35 8.46 -26.13 3.05
CA GLY B 35 9.14 -24.90 3.44
C GLY B 35 9.66 -24.10 2.25
N VAL B 36 8.78 -23.74 1.32
CA VAL B 36 9.12 -22.88 0.19
C VAL B 36 8.33 -21.60 0.35
N SER B 37 9.03 -20.49 0.51
CA SER B 37 8.36 -19.25 0.84
C SER B 37 8.14 -18.34 -0.36
N ILE B 38 8.94 -18.44 -1.41
CA ILE B 38 8.74 -17.63 -2.60
C ILE B 38 8.86 -18.56 -3.80
N SER B 39 7.90 -18.49 -4.71
CA SER B 39 7.96 -19.29 -5.93
C SER B 39 7.25 -18.55 -7.06
N ALA B 40 8.04 -18.05 -8.01
CA ALA B 40 7.54 -17.36 -9.19
C ALA B 40 7.22 -18.31 -10.34
N PHE B 41 7.29 -19.61 -10.09
CA PHE B 41 7.14 -20.59 -11.18
C PHE B 41 5.95 -21.51 -10.91
N ASP B 42 5.12 -21.17 -9.93
CA ASP B 42 3.91 -21.98 -9.60
C ASP B 42 2.89 -21.78 -10.71
N GLY B 43 3.16 -20.88 -11.64
CA GLY B 43 2.28 -20.65 -12.80
C GLY B 43 0.99 -19.95 -12.47
N SER B 44 0.90 -19.38 -11.28
CA SER B 44 -0.31 -18.62 -10.94
C SER B 44 -0.31 -17.31 -11.71
N ARG B 45 -1.49 -16.76 -11.95
CA ARG B 45 -1.65 -15.45 -12.55
C ARG B 45 -1.38 -14.37 -11.50
N VAL B 46 -1.17 -13.15 -11.98
CA VAL B 46 -0.58 -12.11 -11.17
C VAL B 46 -1.54 -10.93 -11.13
N ARG B 47 -1.78 -10.43 -9.93
CA ARG B 47 -2.48 -9.18 -9.67
C ARG B 47 -1.41 -8.16 -9.24
N VAL B 48 -1.34 -7.06 -9.97
CA VAL B 48 -0.39 -5.98 -9.73
C VAL B 48 -1.19 -4.76 -9.29
N VAL B 49 -0.83 -4.19 -8.15
CA VAL B 49 -1.39 -2.91 -7.71
C VAL B 49 -0.28 -1.87 -7.81
N LEU B 50 -0.56 -0.79 -8.52
CA LEU B 50 0.44 0.26 -8.77
C LEU B 50 -0.14 1.56 -8.21
N MET B 51 0.31 1.95 -7.02
CA MET B 51 -0.15 3.20 -6.41
C MET B 51 0.63 4.36 -6.99
N LEU B 52 -0.09 5.30 -7.61
CA LEU B 52 0.51 6.48 -8.21
C LEU B 52 0.12 7.70 -7.39
N ASP B 53 1.09 8.56 -7.10
CA ASP B 53 0.84 9.83 -6.44
C ASP B 53 1.02 10.94 -7.45
N VAL B 54 -0.09 11.53 -7.88
CA VAL B 54 -0.09 12.58 -8.90
C VAL B 54 0.29 13.91 -8.26
N HIS B 55 1.00 14.75 -9.01
CA HIS B 55 1.24 16.13 -8.58
C HIS B 55 -0.07 16.85 -8.36
N ASP B 56 -0.08 17.77 -7.40
CA ASP B 56 -1.31 18.48 -7.05
C ASP B 56 -1.81 19.31 -8.23
N GLY B 57 -3.07 19.10 -8.60
CA GLY B 57 -3.73 19.86 -9.64
C GLY B 57 -3.59 19.28 -11.03
N MET B 58 -2.64 18.38 -11.23
CA MET B 58 -2.32 17.81 -12.54
C MET B 58 -3.13 16.56 -12.87
N GLN B 59 -4.30 16.40 -12.27
CA GLN B 59 -5.09 15.18 -12.45
C GLN B 59 -5.61 15.05 -13.88
N GLN B 60 -6.17 16.13 -14.43
CA GLN B 60 -6.69 16.07 -15.79
C GLN B 60 -5.58 15.78 -16.80
N GLU B 61 -4.42 16.43 -16.62
CA GLU B 61 -3.27 16.15 -17.47
C GLU B 61 -2.80 14.71 -17.29
N PHE B 62 -2.90 14.18 -16.07
CA PHE B 62 -2.46 12.82 -15.86
C PHE B 62 -3.38 11.83 -16.56
N LEU B 63 -4.68 12.00 -16.41
CA LEU B 63 -5.61 11.13 -17.13
C LEU B 63 -5.37 11.20 -18.63
N ASP B 64 -5.08 12.38 -19.14
CA ASP B 64 -4.83 12.53 -20.57
C ASP B 64 -3.51 11.91 -20.97
N ALA B 65 -2.49 12.00 -20.11
CA ALA B 65 -1.25 11.28 -20.37
C ALA B 65 -1.50 9.78 -20.46
N TYR B 66 -2.38 9.25 -19.60
CA TYR B 66 -2.64 7.80 -19.60
C TYR B 66 -3.46 7.40 -20.82
N GLU B 67 -4.39 8.25 -21.25
CA GLU B 67 -5.21 7.87 -22.39
C GLU B 67 -4.40 7.78 -23.68
N ARG B 68 -3.20 8.34 -23.63
CA ARG B 68 -2.30 8.33 -24.81
C ARG B 68 -1.18 7.31 -24.63
N ILE B 69 -1.31 6.38 -23.69
CA ILE B 69 -0.32 5.29 -23.51
C ILE B 69 -1.07 4.00 -23.18
N ARG B 70 -2.38 4.05 -23.07
CA ARG B 70 -3.09 2.83 -22.60
C ARG B 70 -2.95 1.66 -23.59
N ASP B 71 -3.12 1.90 -24.89
CA ASP B 71 -2.95 0.82 -25.89
C ASP B 71 -1.65 0.05 -25.66
N ARG B 72 -0.53 0.75 -25.62
CA ARG B 72 0.76 0.05 -25.50
C ARG B 72 0.68 -0.99 -24.37
N VAL B 73 0.07 -0.64 -23.23
CA VAL B 73 0.01 -1.57 -22.07
C VAL B 73 -0.89 -2.76 -22.42
N ALA B 74 -1.98 -2.51 -23.12
CA ALA B 74 -2.87 -3.62 -23.47
C ALA B 74 -2.17 -4.61 -24.40
N ALA B 75 -1.32 -4.11 -25.29
CA ALA B 75 -0.68 -4.96 -26.30
C ALA B 75 0.50 -5.74 -25.76
N VAL B 76 0.66 -5.78 -24.45
CA VAL B 76 1.72 -6.58 -23.84
C VAL B 76 1.24 -8.03 -23.79
N PRO B 77 2.05 -8.99 -24.20
CA PRO B 77 1.67 -10.39 -24.02
C PRO B 77 1.65 -10.71 -22.54
N GLY B 78 0.66 -11.51 -22.13
CA GLY B 78 0.41 -11.81 -20.75
C GLY B 78 -0.55 -10.85 -20.06
N HIS B 79 -0.74 -9.66 -20.62
CA HIS B 79 -1.65 -8.67 -20.06
C HIS B 79 -3.09 -9.10 -20.31
N VAL B 80 -3.91 -9.07 -19.25
CA VAL B 80 -5.28 -9.56 -19.31
C VAL B 80 -6.29 -8.45 -19.11
N SER B 81 -6.19 -7.70 -18.01
CA SER B 81 -7.16 -6.65 -17.73
C SER B 81 -6.48 -5.51 -16.96
N ASP B 82 -7.22 -4.43 -16.81
CA ASP B 82 -6.68 -3.22 -16.14
C ASP B 82 -7.83 -2.38 -15.61
N GLN B 83 -7.55 -1.58 -14.61
CA GLN B 83 -8.51 -0.65 -13.99
C GLN B 83 -7.73 0.57 -13.53
N LEU B 84 -8.12 1.75 -13.99
CA LEU B 84 -7.55 3.01 -13.53
C LEU B 84 -8.53 3.66 -12.56
N CYS B 85 -8.06 3.94 -11.34
CA CYS B 85 -8.93 4.39 -10.26
C CYS B 85 -8.33 5.56 -9.50
N GLN B 86 -9.19 6.47 -9.06
CA GLN B 86 -8.83 7.66 -8.29
C GLN B 86 -9.42 7.52 -6.90
N SER B 87 -8.62 7.85 -5.88
CA SER B 87 -9.02 7.67 -4.47
C SER B 87 -10.28 8.44 -4.08
N LEU B 88 -11.12 7.79 -3.30
CA LEU B 88 -12.26 8.47 -2.71
C LEU B 88 -11.84 9.46 -1.61
N GLU B 89 -10.61 9.34 -1.11
CA GLU B 89 -10.15 10.11 0.03
C GLU B 89 -9.07 11.12 -0.32
N ASN B 90 -8.50 11.06 -1.50
CA ASN B 90 -7.43 11.98 -1.88
C ASN B 90 -7.36 12.07 -3.39
N PRO B 91 -7.62 13.24 -3.96
CA PRO B 91 -7.64 13.35 -5.42
C PRO B 91 -6.30 13.06 -6.06
N THR B 92 -5.22 13.15 -5.31
CA THR B 92 -3.90 12.90 -5.86
C THR B 92 -3.44 11.46 -5.72
N GLN B 93 -4.25 10.58 -5.14
CA GLN B 93 -3.90 9.18 -5.01
C GLN B 93 -4.66 8.36 -6.05
N TRP B 94 -3.92 7.55 -6.80
CA TRP B 94 -4.45 6.82 -7.94
C TRP B 94 -3.98 5.37 -7.87
N LEU B 95 -4.77 4.50 -8.49
CA LEU B 95 -4.49 3.07 -8.50
C LEU B 95 -4.54 2.55 -9.92
N LEU B 96 -3.48 1.86 -10.36
CA LEU B 96 -3.54 1.08 -11.59
C LEU B 96 -3.41 -0.39 -11.21
N THR B 97 -4.52 -1.11 -11.22
CA THR B 97 -4.47 -2.51 -10.88
C THR B 97 -4.72 -3.36 -12.13
N SER B 98 -3.91 -4.41 -12.31
CA SER B 98 -3.94 -5.20 -13.53
C SER B 98 -3.79 -6.68 -13.22
N GLU B 99 -4.38 -7.51 -14.07
CA GLU B 99 -4.20 -8.94 -13.99
C GLU B 99 -3.25 -9.39 -15.09
N TRP B 100 -2.35 -10.32 -14.76
CA TRP B 100 -1.37 -10.84 -15.69
C TRP B 100 -1.46 -12.37 -15.74
N GLU B 101 -1.20 -12.91 -16.92
CA GLU B 101 -1.28 -14.36 -17.16
C GLU B 101 -0.45 -15.15 -16.16
N SER B 102 0.85 -14.88 -16.10
CA SER B 102 1.70 -15.48 -15.08
C SER B 102 2.71 -14.40 -14.67
N ALA B 103 3.64 -14.78 -13.77
CA ALA B 103 4.68 -13.85 -13.34
C ALA B 103 5.69 -13.58 -14.44
N ALA B 104 6.09 -14.62 -15.19
CA ALA B 104 7.08 -14.50 -16.27
C ALA B 104 6.79 -13.36 -17.23
N PRO B 105 5.60 -13.23 -17.81
CA PRO B 105 5.37 -12.11 -18.73
C PRO B 105 5.41 -10.76 -18.04
N PHE B 106 4.96 -10.67 -16.78
CA PHE B 106 5.02 -9.39 -16.08
C PHE B 106 6.47 -9.00 -15.79
N LEU B 107 7.26 -9.93 -15.24
CA LEU B 107 8.65 -9.63 -14.91
C LEU B 107 9.44 -9.28 -16.17
N ALA B 108 9.19 -10.00 -17.26
CA ALA B 108 9.83 -9.64 -18.53
C ALA B 108 9.54 -8.19 -18.91
N TRP B 109 8.38 -7.67 -18.55
CA TRP B 109 7.96 -6.37 -19.03
C TRP B 109 8.32 -5.21 -18.11
N VAL B 110 7.98 -5.31 -16.82
CA VAL B 110 8.31 -4.25 -15.88
C VAL B 110 9.82 -4.01 -15.87
N ASN B 111 10.61 -5.06 -16.00
CA ASN B 111 12.05 -4.90 -15.99
C ASN B 111 12.60 -4.41 -17.32
N SER B 112 11.77 -4.34 -18.36
CA SER B 112 12.27 -4.06 -19.70
C SER B 112 12.51 -2.57 -19.88
N ASP B 113 13.27 -2.25 -20.93
CA ASP B 113 13.46 -0.85 -21.26
C ASP B 113 12.21 -0.24 -21.89
N GLU B 114 11.40 -1.04 -22.60
CA GLU B 114 10.24 -0.40 -23.21
C GLU B 114 9.13 -0.14 -22.20
N HIS B 115 9.14 -0.81 -21.05
CA HIS B 115 8.33 -0.32 -19.93
C HIS B 115 8.72 1.12 -19.59
N LEU B 116 10.00 1.35 -19.34
CA LEU B 116 10.44 2.68 -18.92
C LEU B 116 10.12 3.72 -19.98
N ASP B 117 10.25 3.34 -21.26
CA ASP B 117 9.97 4.29 -22.33
C ASP B 117 8.48 4.53 -22.49
N THR B 118 7.67 3.49 -22.32
CA THR B 118 6.21 3.67 -22.37
C THR B 118 5.71 4.63 -21.29
N VAL B 119 6.28 4.56 -20.09
CA VAL B 119 5.84 5.41 -18.99
C VAL B 119 6.68 6.69 -18.88
N GLU B 120 7.51 6.97 -19.87
CA GLU B 120 8.33 8.18 -19.81
C GLU B 120 7.51 9.46 -19.68
N PRO B 121 6.51 9.74 -20.54
CA PRO B 121 5.88 11.06 -20.51
C PRO B 121 4.85 11.23 -19.41
N LEU B 122 5.13 10.71 -18.22
CA LEU B 122 4.25 10.90 -17.08
C LEU B 122 4.96 11.46 -15.87
N ALA B 123 6.30 11.51 -15.87
CA ALA B 123 7.01 12.11 -14.74
C ALA B 123 6.61 13.57 -14.52
N THR B 124 6.04 14.23 -15.53
CA THR B 124 5.57 15.60 -15.43
C THR B 124 4.29 15.74 -14.61
N CYS B 125 3.57 14.65 -14.38
CA CYS B 125 2.39 14.71 -13.53
C CYS B 125 2.38 13.66 -12.43
N VAL B 126 3.37 12.78 -12.36
CA VAL B 126 3.46 11.72 -11.36
C VAL B 126 4.64 12.03 -10.45
N ARG B 127 4.38 12.09 -9.15
CA ARG B 127 5.42 12.41 -8.17
C ARG B 127 6.13 11.16 -7.66
N ASP B 128 5.43 10.02 -7.60
CA ASP B 128 5.95 8.78 -7.05
C ASP B 128 5.05 7.61 -7.44
N THR B 129 5.64 6.41 -7.44
CA THR B 129 4.88 5.18 -7.62
C THR B 129 5.35 4.15 -6.59
N HIS B 130 4.50 3.16 -6.37
CA HIS B 130 4.81 2.02 -5.52
C HIS B 130 4.08 0.81 -6.08
N SER B 131 4.81 -0.20 -6.56
CA SER B 131 4.23 -1.36 -7.21
C SER B 131 4.26 -2.57 -6.29
N LEU B 132 3.13 -3.25 -6.16
CA LEU B 132 3.09 -4.50 -5.42
C LEU B 132 2.51 -5.59 -6.33
N ARG B 133 3.10 -6.77 -6.26
CA ARG B 133 2.77 -7.89 -7.12
C ARG B 133 2.34 -9.05 -6.25
N TYR B 134 1.18 -9.62 -6.58
CA TYR B 134 0.62 -10.74 -5.86
C TYR B 134 0.25 -11.83 -6.84
N SER B 135 0.31 -13.07 -6.39
CA SER B 135 -0.25 -14.18 -7.14
C SER B 135 -1.64 -14.49 -6.60
N VAL B 136 -2.61 -14.62 -7.49
CA VAL B 136 -4.00 -14.74 -7.08
C VAL B 136 -4.26 -16.10 -6.46
N LEU B 137 -5.03 -16.23 -5.41
CA LEU B 137 -5.18 -17.58 -4.80
C LEU B 137 -6.66 -17.91 -4.74
N ARG B 138 -7.49 -16.93 -4.45
CA ARG B 138 -8.94 -17.15 -4.40
C ARG B 138 -9.67 -16.02 -5.15
N GLU B 139 -10.72 -16.37 -5.88
CA GLU B 139 -11.50 -15.38 -6.64
C GLU B 139 -12.98 -15.59 -6.39
N THR B 140 -13.74 -14.50 -6.32
CA THR B 140 -15.20 -14.58 -6.17
C THR B 140 -15.79 -13.76 -7.27
N ASP B 141 -16.41 -14.40 -8.25
CA ASP B 141 -17.17 -13.64 -9.28
C ASP B 141 -18.62 -14.07 -9.09
N GLY B 142 -19.55 -13.17 -9.31
CA GLY B 142 -20.95 -13.47 -8.96
C GLY B 142 -20.95 -13.40 -7.45
N GLY B 143 -21.92 -13.96 -6.78
CA GLY B 143 -21.82 -14.04 -5.31
C GLY B 143 -21.24 -15.41 -5.06
N ARG B 144 -20.44 -15.90 -6.01
CA ARG B 144 -19.95 -17.29 -5.96
C ARG B 144 -18.45 -17.45 -6.01
N PRO B 145 -17.88 -18.41 -5.29
CA PRO B 145 -16.46 -18.76 -5.43
C PRO B 145 -16.25 -19.04 -6.89
N ALA B 146 -15.22 -18.46 -7.48
CA ALA B 146 -15.08 -18.57 -8.95
C ALA B 146 -14.88 -20.00 -9.39
N PRO B 147 -15.41 -20.36 -10.57
CA PRO B 147 -15.29 -21.73 -11.11
C PRO B 147 -13.83 -22.15 -11.23
N GLY B 148 -13.01 -21.36 -11.91
CA GLY B 148 -11.60 -21.76 -12.13
C GLY B 148 -10.64 -21.22 -11.07
N GLU B 149 -11.13 -21.01 -9.86
CA GLU B 149 -10.28 -20.49 -8.76
C GLU B 149 -9.25 -21.55 -8.38
N PRO B 150 -8.03 -21.15 -7.98
CA PRO B 150 -6.96 -22.07 -7.57
C PRO B 150 -7.35 -22.80 -6.30
N ARG B 151 -6.97 -24.07 -6.20
CA ARG B 151 -7.20 -24.80 -4.93
C ARG B 151 -5.86 -24.87 -4.23
N SER B 152 -4.90 -24.09 -4.71
CA SER B 152 -3.53 -24.08 -4.15
C SER B 152 -3.50 -23.76 -2.66
N ALA B 153 -2.54 -24.34 -1.98
CA ALA B 153 -2.36 -24.02 -0.56
C ALA B 153 -1.42 -22.83 -0.44
N PRO B 154 -1.36 -22.12 0.72
CA PRO B 154 -0.56 -20.89 0.84
C PRO B 154 0.92 -21.13 1.09
N ARG B 155 1.74 -20.19 0.65
CA ARG B 155 3.20 -20.27 0.90
C ARG B 155 3.47 -19.78 2.34
N ILE B 156 4.34 -20.46 3.06
CA ILE B 156 4.59 -20.15 4.49
C ILE B 156 5.95 -19.48 4.66
N GLY B 157 6.02 -18.44 5.46
CA GLY B 157 7.26 -17.71 5.64
C GLY B 157 7.14 -16.59 6.67
N ASP B 158 8.16 -15.75 6.72
CA ASP B 158 8.49 -15.02 7.94
C ASP B 158 8.65 -13.51 7.76
N ASN B 159 8.01 -12.91 6.76
CA ASN B 159 8.07 -11.45 6.55
C ASN B 159 9.50 -10.99 6.27
N VAL B 160 10.07 -11.55 5.21
CA VAL B 160 11.34 -11.11 4.67
C VAL B 160 11.17 -10.98 3.17
N VAL B 161 11.66 -9.85 2.63
CA VAL B 161 11.84 -9.67 1.18
C VAL B 161 13.30 -9.90 0.84
N ARG B 162 13.53 -10.51 -0.31
CA ARG B 162 14.86 -10.83 -0.82
C ARG B 162 14.97 -10.27 -2.22
N HIS B 163 16.10 -9.64 -2.53
CA HIS B 163 16.27 -8.99 -3.80
C HIS B 163 17.75 -8.90 -4.12
N ALA B 164 18.07 -9.01 -5.40
CA ALA B 164 19.47 -8.92 -5.82
C ALA B 164 19.68 -7.93 -6.95
N LEU B 165 20.88 -7.40 -7.04
CA LEU B 165 21.26 -6.50 -8.16
C LEU B 165 22.58 -7.01 -8.72
N THR B 166 22.78 -6.92 -10.03
CA THR B 166 24.02 -7.38 -10.70
C THR B 166 24.45 -6.32 -11.67
N PHE B 167 25.75 -6.10 -11.78
CA PHE B 167 26.30 -5.04 -12.65
C PHE B 167 27.72 -5.40 -12.93
N THR B 168 28.31 -4.75 -13.93
CA THR B 168 29.67 -5.09 -14.36
C THR B 168 30.56 -3.88 -14.30
N VAL B 169 31.84 -4.11 -14.06
CA VAL B 169 32.85 -3.02 -14.00
C VAL B 169 33.80 -3.16 -15.20
N ARG B 170 34.42 -2.06 -15.60
CA ARG B 170 35.33 -2.04 -16.78
C ARG B 170 36.55 -2.94 -16.53
N PRO B 171 36.85 -3.92 -17.40
CA PRO B 171 38.07 -4.73 -17.26
C PRO B 171 39.25 -3.82 -16.91
N GLY B 172 39.88 -4.08 -15.76
CA GLY B 172 40.98 -3.24 -15.27
C GLY B 172 40.59 -2.56 -13.97
N THR B 173 39.30 -2.60 -13.60
CA THR B 173 38.80 -1.93 -12.38
C THR B 173 38.34 -2.93 -11.37
N GLU B 174 38.49 -4.22 -11.64
CA GLU B 174 37.97 -5.30 -10.75
C GLU B 174 38.56 -5.23 -9.33
N ALA B 175 39.87 -5.12 -9.20
CA ALA B 175 40.49 -5.10 -7.87
C ALA B 175 40.18 -3.78 -7.17
N GLU B 176 40.18 -2.68 -7.91
CA GLU B 176 39.79 -1.40 -7.28
C GLU B 176 38.33 -1.44 -6.80
N THR B 177 37.47 -2.15 -7.53
CA THR B 177 36.04 -2.22 -7.19
C THR B 177 35.85 -3.10 -5.98
N ALA B 178 36.53 -4.23 -5.94
CA ALA B 178 36.42 -5.18 -4.82
C ALA B 178 36.77 -4.52 -3.49
N ARG B 179 37.79 -3.67 -3.47
CA ARG B 179 38.23 -2.98 -2.22
C ARG B 179 37.11 -2.07 -1.75
N LEU B 180 36.55 -1.31 -2.69
CA LEU B 180 35.48 -0.36 -2.32
C LEU B 180 34.29 -1.13 -1.80
N LEU B 181 33.88 -2.15 -2.53
CA LEU B 181 32.67 -2.82 -2.10
C LEU B 181 32.86 -3.61 -0.83
N SER B 182 34.11 -3.82 -0.44
CA SER B 182 34.39 -4.65 0.76
C SER B 182 34.58 -3.76 2.00
N GLU B 183 34.90 -2.48 1.82
CA GLU B 183 35.26 -1.64 2.99
C GLU B 183 34.40 -0.38 3.09
N TYR B 184 33.24 -0.37 2.47
CA TYR B 184 32.33 0.80 2.58
C TYR B 184 31.73 0.85 3.97
N VAL B 185 31.11 1.98 4.28
CA VAL B 185 30.54 2.16 5.63
C VAL B 185 29.06 1.75 5.59
N SER B 186 28.66 0.82 6.44
CA SER B 186 27.29 0.29 6.42
C SER B 186 26.33 1.37 6.90
N PRO B 187 25.09 1.45 6.36
CA PRO B 187 24.09 2.44 6.82
C PRO B 187 23.23 1.93 7.96
N ASP B 188 22.45 2.84 8.54
CA ASP B 188 21.52 2.46 9.62
C ASP B 188 20.54 1.44 9.03
N ALA B 189 20.54 0.25 9.58
CA ALA B 189 19.64 -0.80 9.09
C ALA B 189 18.19 -0.39 9.41
N HIS B 190 18.03 0.45 10.43
CA HIS B 190 16.68 0.93 10.81
C HIS B 190 16.21 1.95 9.78
N VAL B 191 15.04 1.70 9.20
CA VAL B 191 14.45 2.62 8.20
C VAL B 191 13.24 3.25 8.88
N ASP B 192 12.44 2.42 9.53
CA ASP B 192 11.26 2.89 10.30
C ASP B 192 10.85 1.75 11.23
N GLY B 193 9.68 1.84 11.81
CA GLY B 193 9.30 0.83 12.80
C GLY B 193 8.69 -0.35 12.14
N SER B 194 8.53 -0.28 10.83
CA SER B 194 7.89 -1.40 10.10
C SER B 194 8.87 -2.01 9.09
N THR B 195 9.97 -1.33 8.79
CA THR B 195 10.91 -1.82 7.78
C THR B 195 12.32 -1.74 8.34
N ARG B 196 13.12 -2.79 8.10
CA ARG B 196 14.54 -2.82 8.55
C ARG B 196 15.40 -3.66 7.60
N LEU B 197 16.63 -3.22 7.32
CA LEU B 197 17.58 -4.02 6.51
C LEU B 197 18.16 -5.10 7.42
N LEU B 198 18.17 -6.35 6.96
CA LEU B 198 18.59 -7.48 7.82
C LEU B 198 19.96 -8.01 7.41
N ARG B 199 20.18 -8.09 6.11
CA ARG B 199 21.46 -8.64 5.62
C ARG B 199 21.79 -8.02 4.25
N THR B 200 23.06 -7.71 4.05
CA THR B 200 23.54 -7.23 2.77
C THR B 200 24.73 -8.11 2.50
N SER B 201 24.75 -8.70 1.33
CA SER B 201 25.84 -9.60 0.95
C SER B 201 26.32 -9.30 -0.47
N LEU B 202 27.60 -8.99 -0.62
CA LEU B 202 28.14 -8.62 -1.92
C LEU B 202 29.15 -9.67 -2.33
N PHE B 203 29.25 -9.89 -3.63
CA PHE B 203 30.09 -10.93 -4.19
C PHE B 203 30.58 -10.45 -5.54
N MET B 204 31.77 -10.93 -5.93
CA MET B 204 32.32 -10.62 -7.24
C MET B 204 32.75 -11.92 -7.93
N SER B 205 32.63 -11.95 -9.25
CA SER B 205 33.18 -13.05 -10.04
C SER B 205 33.52 -12.46 -11.40
N GLY B 206 34.81 -12.47 -11.75
CA GLY B 206 35.24 -11.69 -12.90
C GLY B 206 34.96 -10.23 -12.64
N ASN B 207 34.42 -9.55 -13.64
CA ASN B 207 34.04 -8.15 -13.47
C ASN B 207 32.54 -8.00 -13.18
N ARG B 208 31.91 -9.04 -12.62
CA ARG B 208 30.51 -8.97 -12.21
C ARG B 208 30.39 -8.93 -10.68
N ILE B 209 29.57 -7.99 -10.20
CA ILE B 209 29.22 -7.86 -8.79
C ILE B 209 27.76 -8.26 -8.61
N VAL B 210 27.49 -8.98 -7.52
CA VAL B 210 26.13 -9.32 -7.12
C VAL B 210 25.93 -8.81 -5.70
N ARG B 211 24.87 -8.03 -5.49
CA ARG B 211 24.47 -7.52 -4.15
C ARG B 211 23.10 -8.13 -3.81
N ALA B 212 23.02 -8.88 -2.73
CA ALA B 212 21.74 -9.43 -2.26
C ALA B 212 21.41 -8.84 -0.89
N VAL B 213 20.13 -8.58 -0.69
CA VAL B 213 19.62 -8.00 0.54
C VAL B 213 18.43 -8.84 1.03
N GLU B 214 18.29 -8.86 2.35
CA GLU B 214 17.11 -9.35 3.05
C GLU B 214 16.52 -8.18 3.82
N VAL B 215 15.22 -7.96 3.66
CA VAL B 215 14.56 -6.83 4.28
C VAL B 215 13.28 -7.31 4.94
N ARG B 216 12.99 -6.73 6.13
CA ARG B 216 11.72 -6.92 6.81
C ARG B 216 10.80 -5.77 6.42
N GLY B 217 9.61 -6.11 5.95
CA GLY B 217 8.65 -5.10 5.53
C GLY B 217 8.84 -4.72 4.07
N ASP B 218 8.86 -3.41 3.80
CA ASP B 218 8.68 -2.85 2.46
C ASP B 218 10.02 -2.58 1.80
N LEU B 219 10.27 -3.29 0.70
CA LEU B 219 11.54 -3.22 -0.01
C LEU B 219 11.83 -1.83 -0.57
N GLN B 220 10.83 -1.15 -1.14
CA GLN B 220 11.08 0.17 -1.71
C GLN B 220 11.56 1.15 -0.65
N THR B 221 10.88 1.20 0.49
CA THR B 221 11.30 2.12 1.54
C THR B 221 12.72 1.78 2.02
N ALA B 222 13.02 0.49 2.14
CA ALA B 222 14.33 0.08 2.63
C ALA B 222 15.43 0.49 1.67
N LEU B 223 15.20 0.31 0.37
CA LEU B 223 16.25 0.66 -0.57
C LEU B 223 16.45 2.15 -0.66
N ARG B 224 15.37 2.94 -0.51
CA ARG B 224 15.48 4.38 -0.61
C ARG B 224 16.18 4.95 0.61
N HIS B 225 15.87 4.42 1.79
CA HIS B 225 16.59 4.84 2.98
C HIS B 225 18.08 4.57 2.83
N VAL B 226 18.45 3.36 2.38
CA VAL B 226 19.87 3.02 2.31
C VAL B 226 20.58 3.92 1.30
N ALA B 227 19.99 4.07 0.10
CA ALA B 227 20.57 4.91 -0.93
C ALA B 227 20.83 6.33 -0.43
N ARG B 228 19.93 6.87 0.39
CA ARG B 228 20.07 8.22 0.94
C ARG B 228 21.14 8.32 2.03
N GLN B 229 21.77 7.23 2.43
CA GLN B 229 22.71 7.31 3.55
C GLN B 229 24.07 7.81 3.09
N PRO B 230 24.76 8.60 3.92
CA PRO B 230 26.07 9.13 3.49
C PRO B 230 27.05 8.04 3.10
N GLY B 231 27.19 7.03 3.98
CA GLY B 231 28.16 5.97 3.75
C GLY B 231 28.03 5.33 2.39
N VAL B 232 26.81 5.11 1.92
CA VAL B 232 26.66 4.39 0.67
C VAL B 232 26.56 5.30 -0.55
N ARG B 233 26.37 6.58 -0.34
CA ARG B 233 26.42 7.49 -1.51
C ARG B 233 27.89 7.66 -1.88
N ALA B 234 28.72 7.82 -0.87
CA ALA B 234 30.15 7.99 -1.14
C ALA B 234 30.70 6.84 -1.96
N VAL B 235 30.43 5.60 -1.53
CA VAL B 235 30.89 4.44 -2.29
C VAL B 235 30.24 4.43 -3.66
N GLU B 236 28.99 4.89 -3.75
CA GLU B 236 28.32 4.86 -5.05
C GLU B 236 28.92 5.89 -6.00
N GLU B 237 29.38 7.04 -5.49
CA GLU B 237 30.02 8.01 -6.37
C GLU B 237 31.37 7.50 -6.86
N ALA B 238 32.13 6.85 -5.99
CA ALA B 238 33.41 6.25 -6.37
C ALA B 238 33.26 4.95 -7.14
N LEU B 239 32.04 4.50 -7.41
CA LEU B 239 31.86 3.35 -8.31
C LEU B 239 31.70 3.76 -9.77
N ASN B 240 30.96 4.86 -10.04
CA ASN B 240 30.59 5.32 -11.37
C ASN B 240 31.74 5.53 -12.35
N PRO B 241 32.94 5.88 -11.89
CA PRO B 241 34.09 5.82 -12.80
C PRO B 241 34.46 4.41 -13.23
N TYR B 242 33.92 3.38 -12.57
CA TYR B 242 34.18 1.99 -12.93
C TYR B 242 33.00 1.29 -13.60
N LEU B 243 31.81 1.86 -13.53
CA LEU B 243 30.64 1.19 -14.08
C LEU B 243 30.70 1.17 -15.61
N GLU B 244 30.71 -0.04 -16.17
CA GLU B 244 30.62 -0.18 -17.64
C GLU B 244 29.34 0.53 -18.07
N GLN B 245 28.32 0.49 -17.22
CA GLN B 245 27.03 1.10 -17.59
C GLN B 245 26.97 2.51 -17.03
N ASP B 246 26.38 3.42 -17.80
CA ASP B 246 26.31 4.85 -17.39
C ASP B 246 25.19 5.09 -16.38
N ARG B 247 25.56 5.60 -15.22
CA ARG B 247 24.54 5.98 -14.23
C ARG B 247 24.77 7.44 -13.84
N ASP B 248 23.70 8.21 -13.70
CA ASP B 248 23.80 9.57 -13.14
C ASP B 248 22.75 9.61 -12.04
N LEU B 249 23.10 9.18 -10.83
CA LEU B 249 22.01 9.16 -9.82
C LEU B 249 21.51 10.59 -9.65
N GLY B 250 22.27 11.60 -10.10
CA GLY B 250 21.76 13.00 -10.11
C GLY B 250 20.43 13.06 -10.84
N ASP B 251 20.25 12.22 -11.86
CA ASP B 251 18.94 12.13 -12.57
C ASP B 251 18.17 10.95 -11.98
N PRO B 252 17.00 11.15 -11.37
CA PRO B 252 16.25 10.05 -10.72
C PRO B 252 15.91 9.00 -11.75
N GLN B 253 15.81 9.42 -13.01
CA GLN B 253 15.49 8.48 -14.10
C GLN B 253 16.69 7.62 -14.42
N SER B 254 17.87 8.21 -14.47
CA SER B 254 19.04 7.40 -14.91
C SER B 254 19.26 6.32 -13.86
N ALA B 255 18.93 6.64 -12.62
CA ALA B 255 19.11 5.66 -11.55
C ALA B 255 18.06 4.57 -11.70
N ARG B 256 16.80 4.95 -11.84
CA ARG B 256 15.70 3.95 -12.05
C ARG B 256 16.12 3.05 -13.22
N ARG B 257 16.60 3.65 -14.30
CA ARG B 257 17.11 2.83 -15.43
C ARG B 257 18.09 1.78 -14.91
N PHE B 258 19.10 2.24 -14.21
CA PHE B 258 20.14 1.32 -13.69
C PHE B 258 19.54 0.21 -12.86
N PHE B 259 18.61 0.51 -11.95
CA PHE B 259 18.20 -0.59 -11.09
C PHE B 259 17.26 -1.54 -11.81
N THR B 260 16.44 -1.00 -12.71
CA THR B 260 15.60 -1.82 -13.58
C THR B 260 16.46 -2.78 -14.40
N ARG B 261 17.54 -2.26 -14.99
CA ARG B 261 18.45 -3.12 -15.75
C ARG B 261 19.20 -4.09 -14.85
N ALA B 262 19.63 -3.64 -13.67
CA ALA B 262 20.40 -4.47 -12.75
C ALA B 262 19.55 -5.46 -11.98
N ALA B 263 18.25 -5.23 -11.90
CA ALA B 263 17.39 -6.04 -11.05
C ALA B 263 17.58 -7.52 -11.35
N MET B 264 17.81 -8.29 -10.30
CA MET B 264 17.77 -9.74 -10.38
C MET B 264 16.77 -10.24 -9.34
N PRO B 265 15.53 -10.49 -9.72
CA PRO B 265 14.51 -10.85 -8.72
C PRO B 265 14.69 -12.25 -8.15
N ALA B 266 14.17 -12.41 -6.93
CA ALA B 266 14.17 -13.71 -6.29
C ALA B 266 12.97 -14.46 -6.80
N VAL B 267 13.21 -15.49 -7.61
CA VAL B 267 12.13 -16.29 -8.17
C VAL B 267 11.82 -17.52 -7.34
N HIS B 268 12.64 -17.84 -6.35
CA HIS B 268 12.37 -19.01 -5.52
C HIS B 268 13.13 -18.91 -4.21
N HIS B 269 12.48 -19.30 -3.12
CA HIS B 269 13.17 -19.35 -1.84
C HIS B 269 12.65 -20.47 -0.97
N ALA B 270 13.57 -21.28 -0.45
CA ALA B 270 13.23 -22.41 0.40
C ALA B 270 14.01 -22.35 1.70
N THR B 271 13.37 -22.79 2.77
CA THR B 271 13.97 -22.89 4.11
C THR B 271 14.02 -24.34 4.53
N TYR B 272 15.18 -24.80 4.96
CA TYR B 272 15.38 -26.19 5.37
C TYR B 272 15.46 -26.28 6.89
N PRO B 273 15.26 -27.47 7.47
CA PRO B 273 15.36 -27.58 8.94
C PRO B 273 16.75 -27.19 9.41
N ASP B 274 16.77 -26.52 10.55
CA ASP B 274 18.06 -26.07 11.12
C ASP B 274 18.96 -27.27 11.42
N ARG B 275 20.25 -27.07 11.21
CA ARG B 275 21.21 -28.14 11.43
C ARG B 275 22.15 -27.75 12.56
N SER B 276 22.38 -28.65 13.49
CA SER B 276 23.39 -28.38 14.51
C SER B 276 24.63 -28.21 13.68
N GLY B 277 25.59 -27.47 14.16
CA GLY B 277 26.74 -27.20 13.28
C GLY B 277 27.46 -26.02 13.81
N ALA B 278 28.77 -26.15 13.89
CA ALA B 278 29.58 -25.09 14.48
C ALA B 278 29.99 -24.11 13.41
N ARG B 279 29.96 -24.54 12.15
CA ARG B 279 30.32 -23.64 11.02
C ARG B 279 29.09 -23.35 10.17
N ARG B 280 28.89 -22.07 9.88
CA ARG B 280 27.77 -21.66 9.00
C ARG B 280 28.38 -20.73 7.92
N GLU B 281 28.09 -21.03 6.67
CA GLU B 281 28.68 -20.25 5.57
C GLU B 281 27.64 -19.85 4.53
N ARG B 282 27.78 -18.66 3.97
CA ARG B 282 26.95 -18.15 2.89
C ARG B 282 27.75 -18.04 1.59
N LEU B 283 27.21 -18.65 0.52
CA LEU B 283 27.84 -18.67 -0.80
C LEU B 283 26.86 -18.20 -1.88
N ALA B 284 27.42 -17.51 -2.87
CA ALA B 284 26.68 -17.16 -4.06
C ALA B 284 27.18 -18.03 -5.23
N LEU B 285 26.28 -18.77 -5.84
CA LEU B 285 26.67 -19.58 -6.99
C LEU B 285 26.21 -18.87 -8.26
N LEU B 286 27.16 -18.52 -9.11
CA LEU B 286 26.87 -17.84 -10.37
C LEU B 286 26.98 -18.86 -11.49
N TYR B 287 25.85 -19.29 -11.99
CA TYR B 287 25.84 -20.42 -12.95
C TYR B 287 26.27 -20.00 -14.33
N PRO B 288 27.15 -20.80 -15.00
CA PRO B 288 27.54 -20.57 -16.41
C PRO B 288 26.45 -21.16 -17.29
N VAL B 289 25.66 -20.32 -17.93
CA VAL B 289 24.49 -20.81 -18.70
C VAL B 289 24.76 -20.80 -20.20
N ARG B 290 24.21 -21.79 -20.91
CA ARG B 290 24.30 -21.79 -22.39
C ARG B 290 23.65 -20.50 -22.89
N ASP B 291 24.29 -19.80 -23.82
CA ASP B 291 23.78 -18.45 -24.20
C ASP B 291 22.29 -18.49 -24.47
N GLY B 292 21.85 -19.54 -25.13
CA GLY B 292 20.44 -19.51 -25.54
C GLY B 292 19.55 -19.19 -24.39
N ALA B 293 19.47 -20.10 -23.44
CA ALA B 293 18.45 -19.90 -22.39
C ALA B 293 18.90 -20.38 -21.03
N GLY B 294 18.52 -19.60 -20.03
CA GLY B 294 18.72 -20.00 -18.65
C GLY B 294 17.40 -19.91 -17.88
N PRO B 295 16.25 -19.43 -18.42
CA PRO B 295 14.99 -19.50 -17.68
C PRO B 295 14.74 -20.93 -17.20
N ASP B 296 15.12 -21.88 -18.02
CA ASP B 296 14.87 -23.29 -17.66
C ASP B 296 15.84 -23.74 -16.57
N LEU B 297 17.05 -23.19 -16.52
CA LEU B 297 18.03 -23.53 -15.44
C LEU B 297 17.49 -23.04 -14.09
N ALA B 298 16.85 -21.89 -14.09
CA ALA B 298 16.27 -21.34 -12.84
C ALA B 298 15.10 -22.20 -12.37
N ARG B 299 14.25 -22.65 -13.29
CA ARG B 299 13.08 -23.47 -12.92
C ARG B 299 13.59 -24.84 -12.48
N LEU B 300 14.71 -25.30 -13.00
CA LEU B 300 15.27 -26.59 -12.55
C LEU B 300 15.86 -26.46 -11.13
N LEU B 301 16.79 -25.53 -10.92
CA LEU B 301 17.36 -25.31 -9.58
C LEU B 301 16.22 -25.07 -8.58
N ALA B 302 15.12 -24.50 -9.04
CA ALA B 302 13.95 -24.22 -8.18
C ALA B 302 13.18 -25.49 -7.81
N ARG B 303 12.93 -26.37 -8.75
CA ARG B 303 12.23 -27.63 -8.46
C ARG B 303 13.11 -28.46 -7.53
N GLN B 304 14.40 -28.45 -7.79
CA GLN B 304 15.33 -29.25 -6.97
C GLN B 304 15.41 -28.65 -5.56
N ASP B 305 15.39 -27.33 -5.42
CA ASP B 305 15.41 -26.68 -4.09
C ASP B 305 14.11 -27.03 -3.36
N ALA B 306 12.99 -27.03 -4.08
CA ALA B 306 11.68 -27.27 -3.43
C ALA B 306 11.55 -28.74 -3.06
N ALA B 307 12.15 -29.58 -3.87
CA ALA B 307 12.09 -31.01 -3.58
C ALA B 307 13.17 -31.36 -2.54
N ALA B 308 14.20 -30.56 -2.39
CA ALA B 308 15.09 -30.84 -1.25
C ALA B 308 14.43 -30.22 -0.01
N ALA B 309 13.54 -29.25 -0.21
CA ALA B 309 12.90 -28.55 0.91
C ALA B 309 11.89 -29.49 1.54
N ARG B 310 11.68 -30.66 0.96
CA ARG B 310 10.60 -31.55 1.45
C ARG B 310 11.18 -32.84 1.97
N ASN B 311 12.29 -33.27 1.40
CA ASN B 311 12.96 -34.51 1.82
C ASN B 311 14.40 -34.08 2.01
N PRO B 312 14.57 -33.26 3.09
CA PRO B 312 15.84 -32.58 3.32
C PRO B 312 16.80 -33.62 3.79
N ASP B 313 17.92 -33.60 3.13
CA ASP B 313 18.83 -34.59 3.69
C ASP B 313 20.22 -33.93 3.89
N GLY B 314 20.55 -32.76 3.29
CA GLY B 314 21.95 -32.21 3.28
C GLY B 314 22.33 -31.02 4.15
N PRO B 315 23.45 -30.27 3.88
CA PRO B 315 23.88 -29.23 4.80
C PRO B 315 23.28 -27.87 4.47
N VAL B 316 22.46 -27.79 3.42
CA VAL B 316 21.88 -26.49 3.02
C VAL B 316 20.78 -26.09 4.02
N LEU B 317 20.81 -24.85 4.50
CA LEU B 317 19.82 -24.35 5.47
C LEU B 317 18.81 -23.42 4.76
N ALA B 318 19.18 -22.92 3.58
CA ALA B 318 18.31 -22.02 2.79
C ALA B 318 18.94 -21.73 1.44
N ALA B 319 18.09 -21.53 0.46
CA ALA B 319 18.54 -21.32 -0.93
C ALA B 319 17.59 -20.36 -1.62
N THR B 320 18.13 -19.27 -2.13
CA THR B 320 17.32 -18.30 -2.88
C THR B 320 17.78 -18.31 -4.30
N VAL B 321 16.87 -18.45 -5.23
CA VAL B 321 17.22 -18.41 -6.68
C VAL B 321 16.99 -16.99 -7.19
N PHE B 322 17.98 -16.43 -7.86
CA PHE B 322 17.87 -15.09 -8.47
C PHE B 322 17.99 -15.24 -10.00
N HIS B 323 17.15 -14.56 -10.76
CA HIS B 323 17.16 -14.79 -12.21
C HIS B 323 16.73 -13.54 -12.96
N ARG B 324 17.59 -13.07 -13.84
CA ARG B 324 17.18 -11.96 -14.73
C ARG B 324 16.99 -12.62 -16.11
N ASP B 325 18.07 -13.02 -16.75
CA ASP B 325 17.83 -13.59 -18.11
C ASP B 325 18.60 -14.89 -18.22
N ASP B 326 19.86 -14.78 -18.59
CA ASP B 326 20.72 -15.98 -18.60
C ASP B 326 21.65 -15.81 -17.41
N LEU B 327 21.34 -14.83 -16.55
CA LEU B 327 22.09 -14.68 -15.28
C LEU B 327 21.32 -15.41 -14.18
N VAL B 328 21.85 -16.54 -13.73
CA VAL B 328 21.20 -17.34 -12.66
C VAL B 328 22.15 -17.42 -11.45
N VAL B 329 21.66 -17.00 -10.29
CA VAL B 329 22.50 -17.00 -9.05
C VAL B 329 21.75 -17.72 -7.91
N ARG B 330 22.41 -18.68 -7.27
CA ARG B 330 21.81 -19.30 -6.07
C ARG B 330 22.57 -18.78 -4.84
N LEU B 331 21.85 -18.24 -3.86
CA LEU B 331 22.47 -17.75 -2.60
C LEU B 331 22.19 -18.81 -1.55
N VAL B 332 23.23 -19.52 -1.12
CA VAL B 332 23.01 -20.68 -0.22
C VAL B 332 23.59 -20.48 1.18
N ASP B 333 22.81 -20.88 2.16
CA ASP B 333 23.30 -20.91 3.56
C ASP B 333 23.64 -22.36 3.85
N VAL B 334 24.86 -22.63 4.26
CA VAL B 334 25.40 -23.97 4.44
C VAL B 334 25.80 -24.18 5.90
N ASP B 335 25.35 -25.28 6.48
CA ASP B 335 25.92 -25.78 7.72
C ASP B 335 27.17 -26.60 7.38
N GLY B 336 28.31 -26.18 7.92
CA GLY B 336 29.53 -26.96 7.76
C GLY B 336 30.28 -26.68 6.47
N ASP B 337 31.22 -27.56 6.18
CA ASP B 337 32.07 -27.45 4.99
C ASP B 337 31.22 -27.56 3.72
N PRO B 338 31.14 -26.51 2.92
CA PRO B 338 30.38 -26.64 1.67
C PRO B 338 30.94 -27.70 0.73
N GLU B 339 32.24 -27.99 0.78
CA GLU B 339 32.84 -28.92 -0.18
C GLU B 339 32.70 -30.39 0.22
N ASP B 340 31.92 -30.68 1.26
CA ASP B 340 31.67 -32.05 1.63
C ASP B 340 30.37 -32.60 1.09
N ALA B 341 29.46 -31.71 0.66
CA ALA B 341 28.23 -32.10 -0.06
C ALA B 341 27.99 -31.13 -1.20
N PRO B 342 28.84 -31.16 -2.24
CA PRO B 342 28.71 -30.15 -3.30
C PRO B 342 27.47 -30.29 -4.17
N ALA B 343 26.96 -31.50 -4.40
CA ALA B 343 25.72 -31.62 -5.20
C ALA B 343 24.56 -30.89 -4.55
N GLU B 344 24.37 -31.08 -3.27
CA GLU B 344 23.19 -30.48 -2.61
C GLU B 344 23.37 -28.96 -2.57
N VAL B 345 24.60 -28.49 -2.45
CA VAL B 345 24.89 -27.04 -2.41
C VAL B 345 24.63 -26.46 -3.80
N LEU B 346 24.84 -27.24 -4.85
CA LEU B 346 24.65 -26.76 -6.23
C LEU B 346 23.20 -26.94 -6.66
N GLY B 347 22.36 -27.54 -5.83
CA GLY B 347 20.98 -27.83 -6.20
C GLY B 347 20.92 -28.87 -7.31
N LEU B 348 21.99 -29.66 -7.48
CA LEU B 348 22.07 -30.66 -8.57
C LEU B 348 22.07 -32.06 -7.96
N HIS B 349 21.29 -32.27 -6.91
CA HIS B 349 21.15 -33.62 -6.33
C HIS B 349 20.37 -34.49 -7.31
N GLY B 350 20.38 -35.80 -7.13
CA GLY B 350 19.64 -36.72 -8.01
C GLY B 350 19.89 -36.50 -9.48
N ARG B 351 18.85 -36.26 -10.26
CA ARG B 351 19.08 -36.19 -11.72
C ARG B 351 19.26 -34.76 -12.21
N GLY B 352 19.27 -33.78 -11.31
CA GLY B 352 19.35 -32.39 -11.74
C GLY B 352 20.60 -32.12 -12.52
N ALA B 353 21.70 -32.73 -12.11
CA ALA B 353 22.99 -32.42 -12.76
C ALA B 353 22.95 -32.89 -14.21
N ALA B 354 22.23 -33.96 -14.45
CA ALA B 354 22.10 -34.46 -15.82
C ALA B 354 21.01 -33.66 -16.54
N ASP B 355 19.99 -33.22 -15.82
CA ASP B 355 18.97 -32.35 -16.44
C ASP B 355 19.56 -30.97 -16.75
N ALA B 356 20.73 -30.65 -16.22
CA ALA B 356 21.33 -29.32 -16.40
C ALA B 356 22.49 -29.39 -17.38
N GLU B 357 22.92 -30.60 -17.71
CA GLU B 357 24.08 -30.74 -18.61
C GLU B 357 23.81 -29.91 -19.87
N ARG B 358 22.63 -30.11 -20.43
CA ARG B 358 22.25 -29.36 -21.64
C ARG B 358 22.21 -27.87 -21.34
N LEU B 359 21.90 -27.51 -20.10
CA LEU B 359 21.68 -26.08 -19.79
C LEU B 359 22.96 -25.36 -19.36
N LEU B 360 24.09 -26.04 -19.21
CA LEU B 360 25.27 -25.37 -18.65
C LEU B 360 26.49 -25.39 -19.58
N ASP B 361 27.37 -24.40 -19.45
CA ASP B 361 28.59 -24.26 -20.29
C ASP B 361 29.81 -24.47 -19.41
N ALA B 362 29.87 -25.59 -18.69
CA ALA B 362 30.95 -25.82 -17.72
C ALA B 362 32.30 -25.94 -18.44
N ALA B 363 32.28 -25.84 -19.76
CA ALA B 363 33.54 -25.83 -20.51
C ALA B 363 34.21 -24.49 -20.35
N ALA B 364 33.42 -23.43 -20.42
CA ALA B 364 33.97 -22.06 -20.36
C ALA B 364 34.49 -21.74 -18.98
N VAL B 365 34.34 -22.64 -18.02
CA VAL B 365 34.78 -22.32 -16.64
C VAL B 365 35.89 -23.30 -16.25
N GLY B 366 36.03 -24.39 -17.01
CA GLY B 366 37.15 -25.32 -16.76
C GLY B 366 36.65 -26.58 -16.09
N VAL B 367 35.40 -26.93 -16.39
CA VAL B 367 34.77 -28.08 -15.70
C VAL B 367 34.39 -29.17 -16.72
N ASP B 368 35.30 -30.12 -16.92
CA ASP B 368 35.01 -31.24 -17.84
C ASP B 368 34.70 -32.46 -16.98
N GLY B 369 33.60 -33.18 -17.25
CA GLY B 369 33.41 -34.40 -16.46
C GLY B 369 32.02 -34.98 -16.57
N SER B 370 31.84 -36.19 -16.03
CA SER B 370 30.46 -36.74 -16.03
C SER B 370 29.67 -36.01 -14.97
N PRO B 371 28.43 -35.58 -15.26
CA PRO B 371 27.58 -35.01 -14.22
C PRO B 371 27.22 -36.13 -13.28
N ALA B 372 26.29 -35.86 -12.38
CA ALA B 372 25.85 -36.90 -11.44
C ALA B 372 27.11 -37.50 -10.84
N GLU B 373 28.22 -36.83 -11.03
CA GLU B 373 29.52 -37.39 -10.54
C GLU B 373 30.25 -36.42 -9.62
N ALA B 374 30.75 -36.93 -8.48
CA ALA B 374 31.37 -36.07 -7.45
C ALA B 374 32.55 -35.24 -7.97
N ALA B 375 33.53 -35.87 -8.60
CA ALA B 375 34.76 -35.12 -8.97
C ALA B 375 34.45 -33.87 -9.78
N THR B 376 33.40 -33.94 -10.59
CA THR B 376 33.06 -32.82 -11.48
C THR B 376 32.22 -31.83 -10.71
N LEU B 377 31.26 -32.32 -9.93
CA LEU B 377 30.39 -31.44 -9.11
C LEU B 377 31.28 -30.68 -8.12
N SER B 378 32.24 -31.38 -7.55
CA SER B 378 33.14 -30.73 -6.59
C SER B 378 33.95 -29.64 -7.31
N ARG B 379 34.39 -29.88 -8.54
CA ARG B 379 35.25 -28.87 -9.20
C ARG B 379 34.38 -27.75 -9.77
N LEU B 380 33.10 -28.03 -9.98
CA LEU B 380 32.17 -27.00 -10.48
C LEU B 380 31.87 -26.04 -9.33
N LEU B 381 31.69 -26.57 -8.13
CA LEU B 381 31.40 -25.72 -6.97
C LEU B 381 32.54 -24.73 -6.82
N ARG B 382 33.76 -25.21 -6.96
CA ARG B 382 34.94 -24.34 -6.75
C ARG B 382 34.99 -23.24 -7.80
N ARG B 383 34.51 -23.49 -9.01
CA ARG B 383 34.63 -22.52 -10.12
C ARG B 383 33.46 -21.55 -10.17
N ILE B 384 32.27 -21.97 -9.76
CA ILE B 384 31.09 -21.08 -9.92
C ILE B 384 30.85 -20.29 -8.63
N ARG B 385 31.62 -20.56 -7.60
CA ARG B 385 31.39 -19.89 -6.29
C ARG B 385 31.98 -18.49 -6.38
N MET B 386 31.14 -17.49 -6.19
CA MET B 386 31.60 -16.09 -6.35
C MET B 386 32.50 -15.72 -5.18
N THR B 387 33.36 -14.74 -5.39
CA THR B 387 34.26 -14.28 -4.33
C THR B 387 33.46 -13.39 -3.40
N PRO B 388 33.29 -13.82 -2.14
CA PRO B 388 32.59 -13.00 -1.14
C PRO B 388 33.39 -11.75 -0.86
N LEU B 389 32.73 -10.61 -0.82
CA LEU B 389 33.40 -9.32 -0.57
C LEU B 389 33.01 -8.81 0.80
N THR B 390 31.71 -8.77 1.06
CA THR B 390 31.20 -8.40 2.41
C THR B 390 29.87 -9.08 2.69
N ASP B 391 29.63 -9.47 3.94
CA ASP B 391 28.33 -10.04 4.39
C ASP B 391 27.95 -9.33 5.68
N ARG B 392 27.16 -8.28 5.57
CA ARG B 392 26.81 -7.45 6.74
C ARG B 392 25.48 -7.88 7.32
N ARG B 393 25.53 -8.53 8.46
CA ARG B 393 24.31 -8.96 9.16
C ARG B 393 23.90 -7.82 10.11
N SER B 394 22.62 -7.43 10.07
CA SER B 394 22.14 -6.29 10.89
C SER B 394 21.61 -6.81 12.23
N ALA B 395 21.51 -5.92 13.22
CA ALA B 395 21.02 -6.28 14.57
C ALA B 395 19.72 -7.08 14.50
N GLY B 396 18.84 -6.76 13.56
CA GLY B 396 17.66 -7.59 13.39
C GLY B 396 18.08 -9.00 13.02
#